data_2FL6
#
_entry.id   2FL6
#
_cell.length_a   68.9
_cell.length_b   79.4
_cell.length_c   158.8
_cell.angle_alpha   90.0
_cell.angle_beta   90.0
_cell.angle_gamma   90.0
#
_symmetry.space_group_name_H-M   'P 21 21 21'
#
loop_
_entity.id
_entity.type
_entity.pdbx_description
1 polymer 'Kinesin-like protein KIF11'
2 non-polymer 'MAGNESIUM ION'
3 non-polymer "ADENOSINE-5'-DIPHOSPHATE"
4 non-polymer (2S)-4-(2,5-DIFLUOROPHENYL)-N,N-DIMETHYL-2-PHENYL-2,5-DIHYDRO-1H-PYRROLE-1-CARBOXAMIDE
5 water water
#
_entity_poly.entity_id   1
_entity_poly.type   'polypeptide(L)'
_entity_poly.pdbx_seq_one_letter_code
;ASQPNSSAKKKEEKGKNIQVVVRCRPFNLAERKASAHSIVECDPVRKEVSVRTGGLADKSSRKTYTFDMVFGASTKQIDV
YRSVVCPILDEVIMGYNCTIFAYGQTGTGKTFTMEGERSPNEEYTWEEDPLAGIIPRTLHQIFEKLTDNGTEFSVKVSLL
EIYNEELFDLLNPSSDVSERLQMFDDPRNKRGVIIKGLEEITVHNKDEVYQILEKGAAKRTTAATLMNAYSSRSHSVFSV
TIHMKETTIDGEELVKIGKLNLVDLAGSENIGRSGAVDKRAREAGNINQSLLTLGRVITALVERTPHVPYRESKLTRILQ
DSLGGRTRTSIIATISPASLNLEETLSTLEYAHRAKNILNKPEVNQK
;
_entity_poly.pdbx_strand_id   A,B
#
# COMPACT_ATOMS: atom_id res chain seq x y z
N ASN A 17 -4.39 -17.81 18.38
CA ASN A 17 -5.88 -17.86 18.40
C ASN A 17 -6.50 -18.10 17.00
N ILE A 18 -6.11 -17.32 15.99
CA ILE A 18 -6.65 -17.54 14.65
C ILE A 18 -6.14 -18.89 14.11
N GLN A 19 -7.08 -19.77 13.80
CA GLN A 19 -6.77 -21.10 13.32
C GLN A 19 -6.47 -21.17 11.82
N VAL A 20 -5.36 -21.80 11.48
CA VAL A 20 -4.93 -21.93 10.09
C VAL A 20 -4.77 -23.39 9.70
N VAL A 21 -5.43 -23.78 8.61
CA VAL A 21 -5.33 -25.15 8.14
C VAL A 21 -4.85 -25.14 6.69
N VAL A 22 -4.13 -26.19 6.30
CA VAL A 22 -3.62 -26.30 4.95
C VAL A 22 -4.33 -27.41 4.19
N ARG A 23 -4.64 -27.16 2.94
CA ARG A 23 -5.27 -28.17 2.13
C ARG A 23 -4.53 -28.27 0.80
N CYS A 24 -3.86 -29.41 0.61
CA CYS A 24 -3.15 -29.66 -0.64
C CYS A 24 -4.13 -30.34 -1.57
N ARG A 25 -4.18 -29.89 -2.82
CA ARG A 25 -5.07 -30.50 -3.80
C ARG A 25 -4.29 -31.60 -4.52
N PRO A 26 -5.00 -32.57 -5.11
CA PRO A 26 -4.37 -33.67 -5.82
C PRO A 26 -3.95 -33.25 -7.22
N PHE A 27 -3.07 -34.05 -7.83
CA PHE A 27 -2.59 -33.82 -9.18
C PHE A 27 -3.79 -33.93 -10.14
N ASN A 28 -3.81 -33.10 -11.17
CA ASN A 28 -4.90 -33.14 -12.15
C ASN A 28 -4.57 -34.16 -13.25
N LEU A 29 -5.50 -34.36 -14.18
CA LEU A 29 -5.27 -35.33 -15.27
C LEU A 29 -4.03 -35.02 -16.09
N ALA A 30 -3.81 -33.74 -16.40
CA ALA A 30 -2.65 -33.31 -17.18
C ALA A 30 -1.33 -33.68 -16.52
N GLU A 31 -1.31 -33.67 -15.18
CA GLU A 31 -0.12 -34.01 -14.41
C GLU A 31 0.03 -35.53 -14.23
N ARG A 32 -1.10 -36.24 -14.30
CA ARG A 32 -1.12 -37.69 -14.16
C ARG A 32 -0.44 -38.36 -15.36
N LYS A 33 -0.87 -37.97 -16.56
CA LYS A 33 -0.33 -38.51 -17.81
C LYS A 33 1.14 -38.13 -18.00
N ALA A 34 1.56 -37.07 -17.33
CA ALA A 34 2.95 -36.62 -17.40
C ALA A 34 3.72 -37.21 -16.21
N SER A 35 3.04 -38.10 -15.47
CA SER A 35 3.60 -38.77 -14.29
C SER A 35 4.41 -37.81 -13.43
N ALA A 36 3.70 -36.95 -12.70
CA ALA A 36 4.35 -35.95 -11.86
C ALA A 36 4.71 -36.48 -10.47
N HIS A 37 5.82 -35.97 -9.95
CA HIS A 37 6.29 -36.34 -8.63
C HIS A 37 5.86 -35.20 -7.68
N SER A 38 5.22 -35.55 -6.58
CA SER A 38 4.78 -34.54 -5.64
C SER A 38 5.96 -34.04 -4.82
N ILE A 39 6.04 -32.73 -4.62
CA ILE A 39 7.11 -32.19 -3.81
C ILE A 39 6.53 -31.86 -2.45
N VAL A 40 5.28 -32.23 -2.23
CA VAL A 40 4.57 -31.99 -0.98
C VAL A 40 4.12 -33.32 -0.32
N GLU A 41 4.17 -33.35 1.01
CA GLU A 41 3.75 -34.53 1.77
C GLU A 41 3.04 -34.07 3.04
N CYS A 42 1.84 -34.59 3.27
CA CYS A 42 1.06 -34.21 4.44
C CYS A 42 1.00 -35.29 5.49
N ASP A 43 0.94 -34.85 6.75
CA ASP A 43 0.89 -35.75 7.91
C ASP A 43 -0.15 -35.17 8.85
N PRO A 44 -1.44 -35.48 8.62
CA PRO A 44 -2.59 -35.01 9.41
C PRO A 44 -2.45 -35.23 10.90
N VAL A 45 -2.09 -36.45 11.28
CA VAL A 45 -1.94 -36.78 12.69
C VAL A 45 -0.93 -35.86 13.37
N ARG A 46 0.11 -35.45 12.67
CA ARG A 46 1.08 -34.55 13.27
C ARG A 46 0.93 -33.08 12.86
N LYS A 47 -0.19 -32.72 12.22
CA LYS A 47 -0.45 -31.34 11.81
C LYS A 47 0.75 -30.76 11.06
N GLU A 48 1.38 -31.55 10.21
CA GLU A 48 2.57 -31.10 9.52
C GLU A 48 2.55 -31.27 8.02
N VAL A 49 3.10 -30.30 7.29
CA VAL A 49 3.17 -30.39 5.83
C VAL A 49 4.64 -30.15 5.47
N SER A 50 5.23 -31.07 4.72
CA SER A 50 6.63 -31.00 4.33
C SER A 50 6.81 -30.78 2.82
N VAL A 51 7.70 -29.86 2.46
CA VAL A 51 7.96 -29.53 1.05
C VAL A 51 9.42 -29.75 0.65
N ARG A 52 9.59 -30.46 -0.47
CA ARG A 52 10.90 -30.75 -1.03
C ARG A 52 11.40 -29.50 -1.77
N THR A 53 12.33 -28.79 -1.15
CA THR A 53 12.87 -27.53 -1.67
C THR A 53 14.07 -27.64 -2.62
N GLY A 54 14.87 -28.69 -2.49
CA GLY A 54 16.04 -28.84 -3.34
C GLY A 54 15.85 -29.70 -4.57
N GLY A 55 15.31 -30.89 -4.39
CA GLY A 55 15.11 -31.81 -5.50
C GLY A 55 15.71 -33.17 -5.18
N LEU A 56 15.17 -34.21 -5.82
CA LEU A 56 15.61 -35.60 -5.63
C LEU A 56 14.80 -36.33 -4.55
N ALA A 57 14.15 -37.41 -4.94
CA ALA A 57 13.35 -38.21 -4.00
C ALA A 57 14.26 -39.23 -3.32
N ASP A 58 15.45 -39.41 -3.89
CA ASP A 58 16.45 -40.34 -3.38
C ASP A 58 17.29 -39.64 -2.29
N LYS A 59 17.37 -38.31 -2.40
CA LYS A 59 18.12 -37.46 -1.48
C LYS A 59 17.67 -36.01 -1.67
N SER A 60 17.46 -35.27 -0.59
CA SER A 60 17.03 -33.89 -0.77
C SER A 60 16.94 -33.07 0.50
N SER A 61 16.62 -31.81 0.31
CA SER A 61 16.44 -30.87 1.39
C SER A 61 14.92 -30.65 1.50
N ARG A 62 14.43 -30.31 2.69
CA ARG A 62 13.01 -30.08 2.86
C ARG A 62 12.69 -28.96 3.85
N LYS A 63 11.47 -28.45 3.75
CA LYS A 63 10.98 -27.39 4.63
C LYS A 63 9.69 -27.90 5.28
N THR A 64 9.64 -27.82 6.61
CA THR A 64 8.51 -28.32 7.35
C THR A 64 7.71 -27.24 8.06
N TYR A 65 6.39 -27.40 8.10
CA TYR A 65 5.52 -26.43 8.77
C TYR A 65 4.42 -27.12 9.56
N THR A 66 4.17 -26.60 10.75
CA THR A 66 3.14 -27.15 11.60
C THR A 66 1.98 -26.17 11.65
N PHE A 67 0.77 -26.67 11.43
CA PHE A 67 -0.41 -25.82 11.48
C PHE A 67 -1.40 -26.40 12.46
N ASP A 68 -2.61 -25.86 12.47
CA ASP A 68 -3.65 -26.34 13.36
C ASP A 68 -4.27 -27.61 12.79
N MET A 69 -4.28 -27.73 11.46
CA MET A 69 -4.81 -28.91 10.78
C MET A 69 -4.25 -28.97 9.37
N VAL A 70 -4.01 -30.19 8.88
CA VAL A 70 -3.49 -30.38 7.53
C VAL A 70 -4.27 -31.47 6.83
N PHE A 71 -4.67 -31.18 5.59
CA PHE A 71 -5.44 -32.09 4.75
C PHE A 71 -4.66 -32.35 3.46
N GLY A 72 -4.30 -33.61 3.24
CA GLY A 72 -3.57 -33.96 2.03
C GLY A 72 -4.50 -34.03 0.84
N ALA A 73 -3.96 -34.49 -0.28
CA ALA A 73 -4.70 -34.63 -1.53
C ALA A 73 -5.88 -35.59 -1.48
N SER A 74 -5.83 -36.58 -0.60
CA SER A 74 -6.92 -37.54 -0.55
C SER A 74 -8.16 -36.99 0.17
N THR A 75 -8.04 -35.81 0.77
CA THR A 75 -9.14 -35.18 1.49
C THR A 75 -10.34 -34.81 0.62
N LYS A 76 -11.50 -35.31 1.00
CA LYS A 76 -12.74 -35.02 0.27
C LYS A 76 -13.42 -33.80 0.88
N GLN A 77 -14.42 -33.27 0.18
CA GLN A 77 -15.17 -32.11 0.66
C GLN A 77 -15.79 -32.36 2.04
N ILE A 78 -16.39 -33.54 2.20
CA ILE A 78 -17.07 -33.91 3.45
C ILE A 78 -16.16 -33.90 4.66
N ASP A 79 -14.89 -34.27 4.47
CA ASP A 79 -13.92 -34.27 5.58
C ASP A 79 -13.63 -32.85 6.03
N VAL A 80 -13.50 -31.92 5.07
CA VAL A 80 -13.24 -30.53 5.40
C VAL A 80 -14.45 -30.02 6.15
N TYR A 81 -15.65 -30.33 5.67
CA TYR A 81 -16.85 -29.85 6.34
C TYR A 81 -16.97 -30.33 7.79
N ARG A 82 -16.92 -31.64 8.00
CA ARG A 82 -17.02 -32.20 9.34
C ARG A 82 -15.93 -31.72 10.29
N SER A 83 -14.71 -31.54 9.79
CA SER A 83 -13.62 -31.11 10.65
C SER A 83 -13.54 -29.61 10.91
N VAL A 84 -13.58 -28.79 9.87
CA VAL A 84 -13.47 -27.36 10.10
C VAL A 84 -14.78 -26.56 10.17
N VAL A 85 -15.68 -26.78 9.20
CA VAL A 85 -16.92 -26.03 9.13
C VAL A 85 -17.99 -26.34 10.17
N CYS A 86 -18.21 -27.63 10.46
CA CYS A 86 -19.21 -28.03 11.44
C CYS A 86 -19.06 -27.34 12.79
N PRO A 87 -17.87 -27.37 13.39
CA PRO A 87 -17.76 -26.68 14.68
C PRO A 87 -18.00 -25.18 14.59
N ILE A 88 -17.39 -24.53 13.60
CA ILE A 88 -17.54 -23.10 13.42
C ILE A 88 -19.00 -22.72 13.17
N LEU A 89 -19.75 -23.60 12.51
CA LEU A 89 -21.16 -23.31 12.27
C LEU A 89 -21.94 -23.37 13.58
N ASP A 90 -21.60 -24.32 14.46
CA ASP A 90 -22.28 -24.43 15.76
C ASP A 90 -22.11 -23.13 16.55
N GLU A 91 -20.91 -22.55 16.49
CA GLU A 91 -20.64 -21.30 17.18
C GLU A 91 -21.47 -20.16 16.57
N VAL A 92 -21.61 -20.16 15.25
CA VAL A 92 -22.42 -19.15 14.57
C VAL A 92 -23.87 -19.26 15.06
N ILE A 93 -24.34 -20.48 15.23
CA ILE A 93 -25.69 -20.72 15.70
C ILE A 93 -25.86 -20.32 17.18
N MET A 94 -24.77 -20.25 17.93
CA MET A 94 -24.86 -19.82 19.34
C MET A 94 -24.97 -18.30 19.46
N GLY A 95 -24.89 -17.61 18.33
CA GLY A 95 -24.99 -16.16 18.32
C GLY A 95 -23.64 -15.48 18.16
N TYR A 96 -22.67 -16.20 17.62
CA TYR A 96 -21.33 -15.63 17.41
C TYR A 96 -21.07 -15.25 15.95
N ASN A 97 -20.06 -14.41 15.74
CA ASN A 97 -19.67 -14.04 14.39
C ASN A 97 -18.46 -14.87 14.05
N CYS A 98 -18.40 -15.37 12.82
CA CYS A 98 -17.28 -16.19 12.39
C CYS A 98 -16.91 -15.93 10.94
N THR A 99 -15.62 -16.07 10.64
CA THR A 99 -15.11 -15.86 9.30
C THR A 99 -14.13 -16.95 8.89
N ILE A 100 -14.22 -17.38 7.64
CA ILE A 100 -13.29 -18.38 7.14
C ILE A 100 -12.72 -17.85 5.81
N PHE A 101 -11.39 -17.74 5.74
CA PHE A 101 -10.71 -17.27 4.54
C PHE A 101 -10.12 -18.44 3.76
N ALA A 102 -10.02 -18.28 2.45
CA ALA A 102 -9.38 -19.30 1.62
C ALA A 102 -8.20 -18.51 1.03
N TYR A 103 -6.97 -18.98 1.23
CA TYR A 103 -5.79 -18.27 0.74
C TYR A 103 -4.90 -19.21 -0.06
N GLY A 104 -4.36 -18.70 -1.16
CA GLY A 104 -3.49 -19.50 -1.99
C GLY A 104 -3.37 -19.07 -3.44
N GLN A 105 -2.41 -19.64 -4.13
CA GLN A 105 -2.20 -19.31 -5.52
C GLN A 105 -3.40 -19.73 -6.35
N THR A 106 -3.56 -19.11 -7.51
CA THR A 106 -4.66 -19.45 -8.39
C THR A 106 -4.47 -20.87 -8.91
N GLY A 107 -5.52 -21.67 -8.79
CA GLY A 107 -5.45 -23.05 -9.25
C GLY A 107 -5.11 -24.08 -8.20
N THR A 108 -5.13 -23.69 -6.93
CA THR A 108 -4.83 -24.59 -5.84
C THR A 108 -6.07 -25.09 -5.09
N GLY A 109 -7.23 -24.49 -5.37
CA GLY A 109 -8.44 -24.95 -4.72
C GLY A 109 -9.26 -24.04 -3.83
N LYS A 110 -9.00 -22.72 -3.86
CA LYS A 110 -9.74 -21.75 -3.03
C LYS A 110 -11.25 -21.84 -3.25
N THR A 111 -11.65 -21.75 -4.52
CA THR A 111 -13.06 -21.83 -4.93
C THR A 111 -13.63 -23.24 -4.75
N PHE A 112 -12.84 -24.26 -5.05
CA PHE A 112 -13.27 -25.64 -4.91
C PHE A 112 -13.66 -25.87 -3.46
N THR A 113 -12.81 -25.41 -2.54
CA THR A 113 -13.04 -25.53 -1.11
C THR A 113 -14.25 -24.71 -0.66
N MET A 114 -14.25 -23.41 -0.95
CA MET A 114 -15.35 -22.55 -0.52
C MET A 114 -16.71 -22.78 -1.18
N GLU A 115 -16.72 -23.09 -2.47
CA GLU A 115 -17.96 -23.31 -3.20
C GLU A 115 -18.15 -24.75 -3.66
N GLY A 116 -17.12 -25.33 -4.25
CA GLY A 116 -17.25 -26.69 -4.72
C GLY A 116 -17.73 -26.69 -6.15
N GLU A 117 -18.19 -27.84 -6.64
CA GLU A 117 -18.61 -27.95 -8.02
C GLU A 117 -19.69 -28.99 -8.18
N ARG A 118 -20.13 -29.20 -9.41
CA ARG A 118 -21.14 -30.19 -9.68
C ARG A 118 -20.48 -31.43 -10.29
N SER A 119 -20.94 -32.62 -9.91
CA SER A 119 -20.37 -33.82 -10.50
C SER A 119 -20.93 -33.78 -11.91
N PRO A 120 -20.17 -34.31 -12.87
CA PRO A 120 -20.57 -34.33 -14.26
C PRO A 120 -21.78 -35.19 -14.59
N ASN A 121 -22.48 -34.81 -15.66
CA ASN A 121 -23.61 -35.56 -16.16
C ASN A 121 -24.82 -35.69 -15.23
N GLU A 122 -25.10 -34.64 -14.45
CA GLU A 122 -26.24 -34.67 -13.53
C GLU A 122 -26.33 -35.96 -12.72
N GLU A 123 -25.21 -36.42 -12.18
CA GLU A 123 -25.25 -37.65 -11.40
C GLU A 123 -25.96 -37.49 -10.04
N TYR A 124 -25.85 -36.32 -9.43
CA TYR A 124 -26.49 -36.07 -8.13
C TYR A 124 -27.33 -34.81 -8.13
N THR A 125 -28.07 -34.62 -7.04
CA THR A 125 -28.87 -33.42 -6.86
C THR A 125 -27.88 -32.56 -6.09
N TRP A 126 -28.07 -31.25 -6.11
CA TRP A 126 -27.13 -30.35 -5.42
C TRP A 126 -26.94 -30.67 -3.92
N GLU A 127 -27.96 -31.26 -3.30
CA GLU A 127 -27.91 -31.60 -1.87
C GLU A 127 -27.04 -32.83 -1.56
N GLU A 128 -26.80 -33.66 -2.57
CA GLU A 128 -26.01 -34.87 -2.38
C GLU A 128 -24.71 -34.93 -3.17
N ASP A 129 -24.46 -33.91 -3.99
CA ASP A 129 -23.23 -33.90 -4.77
C ASP A 129 -22.04 -33.87 -3.81
N PRO A 130 -21.19 -34.90 -3.89
CA PRO A 130 -20.03 -34.99 -3.01
C PRO A 130 -18.96 -33.91 -3.30
N LEU A 131 -19.09 -33.22 -4.43
CA LEU A 131 -18.15 -32.16 -4.78
C LEU A 131 -18.55 -30.79 -4.23
N ALA A 132 -19.74 -30.71 -3.65
CA ALA A 132 -20.20 -29.46 -3.06
C ALA A 132 -19.15 -28.97 -2.06
N GLY A 133 -19.00 -27.64 -1.96
CA GLY A 133 -18.05 -27.03 -1.06
C GLY A 133 -18.71 -26.49 0.20
N ILE A 134 -17.97 -25.68 0.97
CA ILE A 134 -18.45 -25.09 2.24
C ILE A 134 -19.75 -24.32 2.20
N ILE A 135 -19.92 -23.46 1.21
CA ILE A 135 -21.11 -22.63 1.09
C ILE A 135 -22.42 -23.42 0.91
N PRO A 136 -22.51 -24.28 -0.11
CA PRO A 136 -23.76 -25.03 -0.29
C PRO A 136 -24.05 -25.95 0.89
N ARG A 137 -23.02 -26.57 1.45
CA ARG A 137 -23.18 -27.46 2.58
C ARG A 137 -23.69 -26.71 3.81
N THR A 138 -23.07 -25.58 4.09
CA THR A 138 -23.47 -24.76 5.23
C THR A 138 -24.94 -24.34 5.17
N LEU A 139 -25.35 -23.78 4.04
CA LEU A 139 -26.72 -23.33 3.89
C LEU A 139 -27.73 -24.46 4.04
N HIS A 140 -27.37 -25.63 3.53
CA HIS A 140 -28.24 -26.79 3.63
C HIS A 140 -28.31 -27.21 5.12
N GLN A 141 -27.16 -27.24 5.79
CA GLN A 141 -27.12 -27.65 7.20
C GLN A 141 -27.79 -26.71 8.18
N ILE A 142 -27.86 -25.42 7.85
CA ILE A 142 -28.51 -24.44 8.72
C ILE A 142 -29.98 -24.83 8.86
N PHE A 143 -30.64 -25.07 7.72
CA PHE A 143 -32.04 -25.47 7.66
C PHE A 143 -32.22 -26.87 8.24
N GLU A 144 -31.18 -27.68 8.16
CA GLU A 144 -31.24 -29.04 8.69
C GLU A 144 -31.20 -29.00 10.20
N LYS A 145 -30.30 -28.18 10.76
CA LYS A 145 -30.16 -28.07 12.20
C LYS A 145 -31.29 -27.33 12.90
N LEU A 146 -31.63 -26.16 12.38
CA LEU A 146 -32.67 -25.34 13.00
C LEU A 146 -34.13 -25.78 12.77
N THR A 147 -34.40 -26.48 11.68
CA THR A 147 -35.76 -26.92 11.41
C THR A 147 -36.15 -28.04 12.37
N ASP A 148 -35.20 -28.94 12.63
CA ASP A 148 -35.43 -30.05 13.56
C ASP A 148 -35.82 -29.52 14.94
N ASN A 149 -34.85 -28.92 15.63
CA ASN A 149 -35.09 -28.36 16.96
C ASN A 149 -36.19 -27.31 16.91
N GLY A 150 -36.72 -26.93 18.06
CA GLY A 150 -37.78 -25.93 18.09
C GLY A 150 -37.19 -24.53 18.01
N THR A 151 -36.84 -24.11 16.81
CA THR A 151 -36.23 -22.79 16.64
C THR A 151 -36.87 -21.95 15.52
N GLU A 152 -37.21 -20.71 15.83
CA GLU A 152 -37.75 -19.81 14.82
C GLU A 152 -36.52 -19.09 14.27
N PHE A 153 -36.43 -18.95 12.94
CA PHE A 153 -35.26 -18.29 12.38
C PHE A 153 -35.44 -17.84 10.93
N SER A 154 -34.57 -16.93 10.52
CA SER A 154 -34.59 -16.42 9.16
C SER A 154 -33.15 -16.38 8.68
N VAL A 155 -32.95 -16.68 7.41
CA VAL A 155 -31.62 -16.69 6.84
C VAL A 155 -31.48 -15.69 5.69
N LYS A 156 -30.49 -14.80 5.82
CA LYS A 156 -30.18 -13.75 4.83
C LYS A 156 -28.77 -13.99 4.27
N VAL A 157 -28.61 -13.90 2.96
CA VAL A 157 -27.29 -14.06 2.38
C VAL A 157 -26.91 -12.81 1.59
N SER A 158 -25.61 -12.65 1.42
CA SER A 158 -25.10 -11.49 0.71
C SER A 158 -23.74 -11.89 0.12
N LEU A 159 -23.49 -11.48 -1.13
CA LEU A 159 -22.25 -11.79 -1.81
C LEU A 159 -21.64 -10.48 -2.33
N LEU A 160 -20.65 -10.00 -1.58
CA LEU A 160 -19.96 -8.75 -1.84
C LEU A 160 -18.60 -9.08 -2.44
N GLU A 161 -18.32 -8.56 -3.63
CA GLU A 161 -17.03 -8.81 -4.24
C GLU A 161 -16.24 -7.52 -4.53
N ILE A 162 -14.93 -7.63 -4.39
CA ILE A 162 -14.03 -6.50 -4.59
C ILE A 162 -13.11 -6.72 -5.79
N TYR A 163 -13.08 -5.75 -6.67
CA TYR A 163 -12.22 -5.85 -7.84
C TYR A 163 -11.64 -4.47 -8.02
N ASN A 164 -10.31 -4.41 -8.04
CA ASN A 164 -9.59 -3.16 -8.23
C ASN A 164 -10.14 -2.07 -7.32
N GLU A 165 -10.37 -2.46 -6.06
CA GLU A 165 -10.87 -1.59 -5.03
C GLU A 165 -12.28 -1.04 -5.24
N GLU A 166 -13.10 -1.77 -5.98
CA GLU A 166 -14.46 -1.36 -6.22
C GLU A 166 -15.35 -2.45 -5.68
N LEU A 167 -16.54 -2.09 -5.22
CA LEU A 167 -17.46 -3.05 -4.64
C LEU A 167 -18.58 -3.40 -5.59
N PHE A 168 -18.84 -4.70 -5.71
CA PHE A 168 -19.92 -5.18 -6.57
C PHE A 168 -20.82 -6.14 -5.79
N ASP A 169 -22.10 -6.13 -6.15
CA ASP A 169 -23.11 -6.97 -5.52
C ASP A 169 -23.42 -8.07 -6.52
N LEU A 170 -23.00 -9.30 -6.24
CA LEU A 170 -23.27 -10.38 -7.17
C LEU A 170 -24.57 -11.15 -6.98
N LEU A 171 -25.52 -10.59 -6.23
CA LEU A 171 -26.83 -11.25 -6.02
C LEU A 171 -28.03 -10.40 -6.41
N ASN A 172 -27.87 -9.08 -6.39
CA ASN A 172 -28.96 -8.18 -6.76
C ASN A 172 -29.31 -8.48 -8.21
N PRO A 173 -30.52 -8.98 -8.47
CA PRO A 173 -30.93 -9.31 -9.84
C PRO A 173 -31.54 -8.15 -10.63
N SER A 174 -31.37 -6.93 -10.16
CA SER A 174 -31.94 -5.77 -10.85
C SER A 174 -30.91 -4.71 -11.21
N SER A 175 -29.64 -5.06 -11.08
CA SER A 175 -28.56 -4.16 -11.41
C SER A 175 -27.51 -4.98 -12.14
N ASP A 176 -26.73 -4.33 -12.99
CA ASP A 176 -25.69 -5.07 -13.68
C ASP A 176 -24.37 -4.87 -12.92
N VAL A 177 -23.38 -5.70 -13.23
CA VAL A 177 -22.08 -5.62 -12.57
C VAL A 177 -21.27 -4.36 -12.90
N SER A 178 -21.85 -3.43 -13.66
CA SER A 178 -21.17 -2.19 -14.01
C SER A 178 -21.44 -1.15 -12.93
N GLU A 179 -22.36 -1.46 -12.05
CA GLU A 179 -22.74 -0.57 -10.96
C GLU A 179 -22.01 -0.90 -9.68
N ARG A 180 -21.01 -0.09 -9.34
CA ARG A 180 -20.24 -0.31 -8.13
C ARG A 180 -20.96 0.28 -6.92
N LEU A 181 -20.75 -0.31 -5.75
CA LEU A 181 -21.38 0.14 -4.51
C LEU A 181 -20.46 1.09 -3.74
N GLN A 182 -21.05 1.99 -2.95
CA GLN A 182 -20.28 2.94 -2.14
C GLN A 182 -20.17 2.44 -0.71
N MET A 183 -19.06 2.75 -0.07
CA MET A 183 -18.80 2.31 1.29
C MET A 183 -18.51 3.49 2.20
N PHE A 184 -19.13 3.50 3.39
CA PHE A 184 -18.93 4.58 4.36
C PHE A 184 -18.68 3.99 5.74
N ASP A 185 -18.10 4.79 6.64
CA ASP A 185 -17.87 4.34 8.01
C ASP A 185 -19.22 4.37 8.72
N ASP A 186 -19.48 3.39 9.58
CA ASP A 186 -20.75 3.34 10.31
C ASP A 186 -20.65 4.18 11.58
N PRO A 187 -21.34 5.33 11.61
CA PRO A 187 -21.33 6.24 12.76
C PRO A 187 -21.76 5.60 14.07
N ARG A 188 -22.51 4.50 13.99
CA ARG A 188 -22.95 3.81 15.18
C ARG A 188 -21.79 3.02 15.77
N ASN A 189 -21.71 1.73 15.44
CA ASN A 189 -20.63 0.88 15.95
C ASN A 189 -19.26 1.13 15.27
N LYS A 190 -18.26 1.43 16.09
CA LYS A 190 -16.90 1.71 15.63
C LYS A 190 -16.31 0.54 14.83
N ARG A 191 -15.27 0.85 14.06
CA ARG A 191 -14.57 -0.13 13.22
C ARG A 191 -15.51 -1.05 12.43
N GLY A 192 -16.54 -0.45 11.83
CA GLY A 192 -17.48 -1.20 11.04
C GLY A 192 -17.82 -0.33 9.86
N VAL A 193 -18.41 -0.89 8.82
CA VAL A 193 -18.75 -0.11 7.65
C VAL A 193 -20.17 -0.35 7.16
N ILE A 194 -20.63 0.55 6.29
CA ILE A 194 -21.95 0.45 5.70
C ILE A 194 -21.84 0.43 4.19
N ILE A 195 -22.34 -0.63 3.57
CA ILE A 195 -22.31 -0.72 2.13
C ILE A 195 -23.67 -0.25 1.60
N LYS A 196 -23.70 0.94 1.03
CA LYS A 196 -24.93 1.51 0.49
C LYS A 196 -25.40 0.69 -0.70
N GLY A 197 -26.61 0.13 -0.61
CA GLY A 197 -27.12 -0.64 -1.71
C GLY A 197 -26.85 -2.13 -1.73
N LEU A 198 -26.13 -2.66 -0.75
CA LEU A 198 -25.87 -4.10 -0.73
C LEU A 198 -27.19 -4.83 -0.50
N GLU A 199 -27.49 -5.80 -1.34
CA GLU A 199 -28.71 -6.58 -1.22
C GLU A 199 -28.55 -7.77 -0.29
N GLU A 200 -29.58 -8.02 0.50
CA GLU A 200 -29.60 -9.14 1.42
C GLU A 200 -30.76 -10.01 1.00
N ILE A 201 -30.46 -11.16 0.42
CA ILE A 201 -31.50 -12.06 -0.03
C ILE A 201 -31.94 -12.99 1.08
N THR A 202 -33.23 -13.02 1.36
CA THR A 202 -33.76 -13.91 2.38
C THR A 202 -33.90 -15.29 1.73
N VAL A 203 -33.44 -16.31 2.42
CA VAL A 203 -33.54 -17.68 1.93
C VAL A 203 -34.60 -18.33 2.81
N HIS A 204 -35.83 -18.38 2.28
CA HIS A 204 -36.97 -18.93 3.01
C HIS A 204 -36.87 -20.40 3.38
N ASN A 205 -36.17 -21.20 2.56
CA ASN A 205 -36.02 -22.62 2.88
C ASN A 205 -34.91 -23.26 2.05
N LYS A 206 -34.53 -24.47 2.46
CA LYS A 206 -33.48 -25.21 1.80
C LYS A 206 -33.64 -25.30 0.29
N ASP A 207 -34.87 -25.50 -0.19
CA ASP A 207 -35.13 -25.61 -1.62
C ASP A 207 -35.11 -24.28 -2.37
N GLU A 208 -34.49 -23.28 -1.75
CA GLU A 208 -34.37 -21.96 -2.35
C GLU A 208 -32.89 -21.64 -2.47
N VAL A 209 -32.06 -22.45 -1.82
CA VAL A 209 -30.62 -22.28 -1.81
C VAL A 209 -29.95 -22.30 -3.17
N TYR A 210 -30.08 -23.41 -3.88
CA TYR A 210 -29.45 -23.56 -5.17
C TYR A 210 -29.62 -22.43 -6.17
N GLN A 211 -30.86 -22.04 -6.45
CA GLN A 211 -31.08 -20.96 -7.41
C GLN A 211 -30.45 -19.64 -7.00
N ILE A 212 -30.37 -19.38 -5.70
CA ILE A 212 -29.76 -18.14 -5.26
C ILE A 212 -28.28 -18.18 -5.67
N LEU A 213 -27.65 -19.33 -5.45
CA LEU A 213 -26.25 -19.52 -5.82
C LEU A 213 -26.03 -19.48 -7.33
N GLU A 214 -26.96 -20.07 -8.08
CA GLU A 214 -26.89 -20.06 -9.53
C GLU A 214 -26.97 -18.62 -10.07
N LYS A 215 -27.81 -17.80 -9.43
CA LYS A 215 -27.97 -16.42 -9.84
C LYS A 215 -26.63 -15.71 -9.76
N GLY A 216 -25.95 -15.91 -8.65
CA GLY A 216 -24.64 -15.30 -8.44
C GLY A 216 -23.61 -15.79 -9.44
N ALA A 217 -23.67 -17.05 -9.83
CA ALA A 217 -22.71 -17.60 -10.78
C ALA A 217 -22.87 -16.94 -12.15
N ALA A 218 -24.12 -16.75 -12.55
CA ALA A 218 -24.42 -16.12 -13.82
C ALA A 218 -24.01 -14.66 -13.82
N LYS A 219 -24.34 -13.93 -12.76
CA LYS A 219 -23.97 -12.53 -12.70
C LYS A 219 -22.44 -12.40 -12.69
N ARG A 220 -21.80 -13.40 -12.09
CA ARG A 220 -20.37 -13.48 -11.99
C ARG A 220 -19.76 -13.61 -13.38
N THR A 221 -20.43 -14.41 -14.21
CA THR A 221 -19.99 -14.65 -15.59
C THR A 221 -19.94 -13.37 -16.41
N THR A 222 -20.88 -12.45 -16.17
CA THR A 222 -20.89 -11.19 -16.88
C THR A 222 -19.80 -10.30 -16.30
N ALA A 223 -19.53 -10.45 -15.00
CA ALA A 223 -18.48 -9.66 -14.36
C ALA A 223 -17.13 -10.03 -14.96
N ALA A 224 -17.00 -11.31 -15.32
CA ALA A 224 -15.78 -11.86 -15.90
C ALA A 224 -15.48 -11.35 -17.31
N THR A 225 -16.53 -11.08 -18.08
CA THR A 225 -16.30 -10.59 -19.43
C THR A 225 -16.04 -9.09 -19.38
N LEU A 226 -16.49 -8.47 -18.30
CA LEU A 226 -16.35 -7.03 -18.08
C LEU A 226 -15.04 -6.57 -17.44
N MET A 227 -14.43 -7.47 -16.66
CA MET A 227 -13.18 -7.17 -15.96
C MET A 227 -12.14 -8.25 -16.24
N ASN A 228 -10.90 -7.82 -16.47
CA ASN A 228 -9.84 -8.77 -16.80
C ASN A 228 -9.42 -9.69 -15.65
N ALA A 229 -9.37 -10.99 -15.93
CA ALA A 229 -8.99 -12.00 -14.95
C ALA A 229 -9.78 -11.79 -13.67
N TYR A 230 -11.09 -11.63 -13.82
CA TYR A 230 -11.95 -11.37 -12.67
C TYR A 230 -11.90 -12.41 -11.57
N SER A 231 -11.97 -13.69 -11.93
CA SER A 231 -11.95 -14.76 -10.94
C SER A 231 -10.62 -14.89 -10.21
N SER A 232 -9.55 -14.41 -10.84
CA SER A 232 -8.23 -14.48 -10.23
C SER A 232 -7.89 -13.28 -9.36
N ARG A 233 -8.36 -12.11 -9.76
CA ARG A 233 -8.03 -10.89 -9.05
C ARG A 233 -9.02 -10.35 -8.03
N SER A 234 -10.22 -10.90 -7.99
CA SER A 234 -11.22 -10.39 -7.04
C SER A 234 -11.33 -11.14 -5.73
N HIS A 235 -11.94 -10.47 -4.76
CA HIS A 235 -12.20 -11.03 -3.44
C HIS A 235 -13.71 -11.18 -3.37
N SER A 236 -14.17 -12.35 -2.93
CA SER A 236 -15.60 -12.60 -2.78
C SER A 236 -15.90 -12.87 -1.33
N VAL A 237 -16.86 -12.13 -0.80
CA VAL A 237 -17.29 -12.26 0.58
C VAL A 237 -18.75 -12.67 0.53
N PHE A 238 -18.98 -13.94 0.82
CA PHE A 238 -20.32 -14.52 0.83
C PHE A 238 -20.66 -14.63 2.31
N SER A 239 -21.68 -13.88 2.74
CA SER A 239 -22.14 -13.85 4.12
C SER A 239 -23.53 -14.47 4.31
N VAL A 240 -23.71 -15.08 5.48
CA VAL A 240 -24.97 -15.69 5.87
C VAL A 240 -25.26 -15.27 7.30
N THR A 241 -26.37 -14.54 7.48
CA THR A 241 -26.78 -14.06 8.79
C THR A 241 -28.02 -14.84 9.25
N ILE A 242 -27.99 -15.28 10.49
CA ILE A 242 -29.09 -16.05 11.04
C ILE A 242 -29.74 -15.40 12.26
N HIS A 243 -30.99 -14.99 12.10
CA HIS A 243 -31.74 -14.39 13.20
C HIS A 243 -32.53 -15.56 13.79
N MET A 244 -32.25 -15.86 15.05
CA MET A 244 -32.90 -16.98 15.72
C MET A 244 -33.62 -16.60 17.01
N LYS A 245 -34.73 -17.28 17.25
CA LYS A 245 -35.55 -17.09 18.43
C LYS A 245 -35.86 -18.51 18.88
N GLU A 246 -34.96 -19.06 19.70
CA GLU A 246 -35.11 -20.42 20.18
C GLU A 246 -36.05 -20.48 21.39
N THR A 247 -36.77 -21.58 21.49
CA THR A 247 -37.68 -21.82 22.61
C THR A 247 -37.43 -23.25 23.06
N THR A 248 -36.72 -23.39 24.18
CA THR A 248 -36.40 -24.71 24.73
C THR A 248 -37.65 -25.50 25.10
N ILE A 249 -37.49 -26.77 25.41
CA ILE A 249 -38.62 -27.62 25.78
C ILE A 249 -39.30 -27.12 27.07
N ASP A 250 -38.70 -26.11 27.69
CA ASP A 250 -39.20 -25.51 28.93
C ASP A 250 -40.12 -24.31 28.70
N GLY A 251 -39.63 -23.36 27.91
CA GLY A 251 -40.39 -22.15 27.62
C GLY A 251 -39.49 -20.93 27.61
N GLU A 252 -38.18 -21.19 27.59
CA GLU A 252 -37.18 -20.13 27.57
C GLU A 252 -37.04 -19.67 26.13
N GLU A 253 -36.92 -18.37 25.91
CA GLU A 253 -36.76 -17.87 24.56
C GLU A 253 -35.36 -17.25 24.43
N LEU A 254 -34.57 -17.79 23.50
CA LEU A 254 -33.21 -17.29 23.28
C LEU A 254 -33.16 -16.58 21.94
N VAL A 255 -32.93 -15.27 21.96
CA VAL A 255 -32.84 -14.52 20.73
C VAL A 255 -31.38 -14.27 20.37
N LYS A 256 -30.87 -15.09 19.45
CA LYS A 256 -29.48 -15.00 19.02
C LYS A 256 -29.37 -14.53 17.57
N ILE A 257 -28.20 -14.05 17.20
CA ILE A 257 -27.92 -13.57 15.85
C ILE A 257 -26.51 -13.92 15.45
N GLY A 258 -26.36 -14.88 14.55
CA GLY A 258 -25.03 -15.26 14.13
C GLY A 258 -24.72 -14.86 12.69
N LYS A 259 -23.45 -14.59 12.42
CA LYS A 259 -23.03 -14.22 11.07
C LYS A 259 -21.76 -14.94 10.69
N LEU A 260 -21.81 -15.61 9.54
CA LEU A 260 -20.68 -16.35 9.06
C LEU A 260 -20.24 -15.77 7.72
N ASN A 261 -18.99 -15.32 7.64
CA ASN A 261 -18.44 -14.77 6.41
C ASN A 261 -17.51 -15.79 5.74
N LEU A 262 -17.78 -16.08 4.47
CA LEU A 262 -16.97 -17.04 3.72
C LEU A 262 -16.25 -16.22 2.67
N VAL A 263 -14.95 -16.09 2.84
CA VAL A 263 -14.17 -15.28 1.94
C VAL A 263 -13.20 -16.03 1.05
N ASP A 264 -13.41 -15.87 -0.26
CA ASP A 264 -12.57 -16.47 -1.27
C ASP A 264 -11.60 -15.37 -1.79
N LEU A 265 -10.45 -15.27 -1.15
CA LEU A 265 -9.43 -14.29 -1.49
C LEU A 265 -8.89 -14.35 -2.92
N ALA A 266 -8.40 -13.21 -3.41
CA ALA A 266 -7.80 -13.13 -4.74
C ALA A 266 -6.56 -14.01 -4.74
N GLY A 267 -6.17 -14.51 -5.91
CA GLY A 267 -4.98 -15.34 -5.97
C GLY A 267 -3.78 -14.63 -5.37
N SER A 268 -3.06 -15.33 -4.51
CA SER A 268 -1.90 -14.79 -3.84
C SER A 268 -0.61 -14.73 -4.68
N GLU A 269 -0.66 -15.17 -5.93
CA GLU A 269 0.54 -15.18 -6.76
C GLU A 269 0.98 -13.80 -7.24
N ASN A 270 2.28 -13.66 -7.50
CA ASN A 270 2.88 -12.41 -7.98
C ASN A 270 3.89 -12.74 -9.07
N ASN A 286 -1.68 -5.74 -12.54
CA ASN A 286 -1.25 -4.61 -11.72
C ASN A 286 -1.17 -4.98 -10.24
N ILE A 287 -1.65 -4.08 -9.37
CA ILE A 287 -1.60 -4.32 -7.93
C ILE A 287 -2.96 -4.59 -7.30
N ASN A 288 -2.97 -5.42 -6.26
CA ASN A 288 -4.17 -5.72 -5.52
C ASN A 288 -4.00 -5.06 -4.18
N GLN A 289 -4.63 -3.90 -4.02
CA GLN A 289 -4.54 -3.16 -2.79
C GLN A 289 -5.07 -3.92 -1.59
N SER A 290 -6.20 -4.61 -1.75
CA SER A 290 -6.76 -5.37 -0.64
C SER A 290 -5.87 -6.54 -0.25
N LEU A 291 -5.28 -7.22 -1.23
CA LEU A 291 -4.41 -8.34 -0.93
C LEU A 291 -3.15 -7.84 -0.21
N LEU A 292 -2.59 -6.78 -0.76
CA LEU A 292 -1.40 -6.16 -0.21
C LEU A 292 -1.68 -5.71 1.23
N THR A 293 -2.83 -5.08 1.45
CA THR A 293 -3.15 -4.61 2.79
C THR A 293 -3.45 -5.73 3.77
N LEU A 294 -4.00 -6.84 3.30
CA LEU A 294 -4.28 -7.98 4.18
C LEU A 294 -2.98 -8.49 4.79
N GLY A 295 -1.94 -8.57 3.97
CA GLY A 295 -0.65 -9.02 4.44
C GLY A 295 -0.04 -8.04 5.43
N ARG A 296 -0.19 -6.74 5.18
CA ARG A 296 0.36 -5.73 6.08
C ARG A 296 -0.40 -5.68 7.40
N VAL A 297 -1.69 -5.94 7.33
CA VAL A 297 -2.51 -5.96 8.54
C VAL A 297 -2.09 -7.14 9.40
N ILE A 298 -1.91 -8.30 8.77
CA ILE A 298 -1.50 -9.49 9.49
C ILE A 298 -0.12 -9.30 10.13
N THR A 299 0.80 -8.70 9.39
CA THR A 299 2.16 -8.42 9.88
C THR A 299 2.14 -7.53 11.13
N ALA A 300 1.37 -6.44 11.06
CA ALA A 300 1.25 -5.52 12.19
C ALA A 300 0.63 -6.21 13.41
N LEU A 301 -0.37 -7.06 13.17
CA LEU A 301 -1.02 -7.78 14.26
C LEU A 301 -0.09 -8.77 14.96
N VAL A 302 0.69 -9.55 14.20
CA VAL A 302 1.58 -10.53 14.82
C VAL A 302 2.84 -9.92 15.42
N GLU A 303 3.31 -8.80 14.84
CA GLU A 303 4.50 -8.12 15.36
C GLU A 303 4.09 -7.09 16.42
N ARG A 304 2.84 -7.18 16.86
CA ARG A 304 2.30 -6.31 17.90
C ARG A 304 2.39 -4.81 17.63
N THR A 305 2.58 -4.43 16.37
CA THR A 305 2.68 -3.02 16.00
C THR A 305 1.39 -2.32 16.39
N PRO A 306 1.48 -1.17 17.06
CA PRO A 306 0.31 -0.40 17.48
C PRO A 306 -0.63 0.01 16.35
N HIS A 307 -0.07 0.47 15.23
CA HIS A 307 -0.90 0.88 14.11
C HIS A 307 -1.14 -0.26 13.12
N VAL A 308 -2.41 -0.58 12.91
CA VAL A 308 -2.80 -1.63 11.97
C VAL A 308 -3.49 -0.96 10.78
N PRO A 309 -2.92 -1.11 9.58
CA PRO A 309 -3.48 -0.50 8.37
C PRO A 309 -4.82 -1.04 7.83
N TYR A 310 -5.82 -1.14 8.69
CA TYR A 310 -7.15 -1.64 8.26
C TYR A 310 -7.75 -0.81 7.14
N ARG A 311 -7.64 0.51 7.26
CA ARG A 311 -8.25 1.42 6.28
C ARG A 311 -7.54 1.57 4.94
N GLU A 312 -6.38 0.94 4.76
CA GLU A 312 -5.69 1.09 3.48
C GLU A 312 -6.27 0.26 2.31
N SER A 313 -7.36 -0.46 2.57
CA SER A 313 -8.05 -1.26 1.52
C SER A 313 -9.48 -1.58 1.95
N LYS A 314 -10.35 -1.82 0.98
CA LYS A 314 -11.76 -2.14 1.24
C LYS A 314 -11.90 -3.46 2.01
N LEU A 315 -11.19 -4.48 1.54
CA LEU A 315 -11.25 -5.78 2.18
C LEU A 315 -11.03 -5.68 3.69
N THR A 316 -9.92 -5.07 4.09
CA THR A 316 -9.60 -4.97 5.52
C THR A 316 -10.49 -4.04 6.36
N ARG A 317 -11.20 -3.14 5.70
CA ARG A 317 -12.11 -2.26 6.43
C ARG A 317 -13.41 -3.01 6.67
N ILE A 318 -13.82 -3.79 5.66
CA ILE A 318 -15.03 -4.58 5.72
C ILE A 318 -14.89 -5.71 6.76
N LEU A 319 -13.75 -6.39 6.71
CA LEU A 319 -13.51 -7.51 7.60
C LEU A 319 -12.53 -7.27 8.74
N GLN A 320 -12.38 -6.01 9.18
CA GLN A 320 -11.43 -5.74 10.26
C GLN A 320 -11.69 -6.46 11.58
N ASP A 321 -12.96 -6.75 11.88
CA ASP A 321 -13.29 -7.46 13.11
C ASP A 321 -12.83 -8.92 13.06
N SER A 322 -12.60 -9.43 11.85
CA SER A 322 -12.11 -10.79 11.65
C SER A 322 -10.59 -10.83 11.76
N LEU A 323 -9.97 -9.64 11.83
CA LEU A 323 -8.53 -9.53 11.93
C LEU A 323 -8.18 -8.87 13.24
N GLY A 324 -7.98 -9.67 14.28
CA GLY A 324 -7.66 -9.12 15.60
C GLY A 324 -8.85 -8.45 16.25
N GLY A 325 -10.06 -8.89 15.90
CA GLY A 325 -11.27 -8.32 16.46
C GLY A 325 -12.04 -9.30 17.31
N ARG A 326 -13.34 -9.11 17.48
CA ARG A 326 -14.09 -10.04 18.31
C ARG A 326 -14.73 -11.18 17.52
N THR A 327 -14.14 -11.51 16.37
CA THR A 327 -14.67 -12.60 15.56
C THR A 327 -13.71 -13.79 15.56
N ARG A 328 -14.28 -14.99 15.49
CA ARG A 328 -13.50 -16.23 15.43
C ARG A 328 -13.20 -16.44 13.97
N THR A 329 -11.93 -16.39 13.58
CA THR A 329 -11.63 -16.59 12.19
C THR A 329 -10.64 -17.72 11.94
N SER A 330 -10.82 -18.39 10.81
CA SER A 330 -9.98 -19.48 10.39
C SER A 330 -9.45 -19.18 8.99
N ILE A 331 -8.27 -19.70 8.67
CA ILE A 331 -7.71 -19.49 7.37
C ILE A 331 -7.38 -20.83 6.74
N ILE A 332 -7.96 -21.10 5.58
CA ILE A 332 -7.66 -22.35 4.90
C ILE A 332 -6.69 -22.01 3.76
N ALA A 333 -5.43 -22.40 3.91
CA ALA A 333 -4.45 -22.13 2.86
C ALA A 333 -4.42 -23.31 1.90
N THR A 334 -4.57 -23.03 0.61
CA THR A 334 -4.55 -24.06 -0.40
C THR A 334 -3.22 -24.02 -1.15
N ILE A 335 -2.72 -25.21 -1.47
CA ILE A 335 -1.44 -25.38 -2.15
C ILE A 335 -1.48 -26.49 -3.19
N SER A 336 -0.53 -26.44 -4.12
CA SER A 336 -0.39 -27.42 -5.18
C SER A 336 0.78 -28.33 -4.83
N PRO A 337 0.70 -29.60 -5.24
CA PRO A 337 1.77 -30.54 -4.95
C PRO A 337 2.80 -30.61 -6.09
N ALA A 338 2.56 -29.89 -7.17
CA ALA A 338 3.46 -29.90 -8.32
C ALA A 338 4.74 -29.12 -8.07
N SER A 339 5.86 -29.68 -8.51
CA SER A 339 7.15 -29.03 -8.33
C SER A 339 7.27 -27.66 -9.02
N LEU A 340 6.39 -27.39 -9.98
CA LEU A 340 6.40 -26.12 -10.70
C LEU A 340 5.96 -24.94 -9.83
N ASN A 341 5.12 -25.22 -8.84
CA ASN A 341 4.60 -24.20 -7.95
C ASN A 341 5.38 -24.09 -6.64
N LEU A 342 6.62 -24.57 -6.64
CA LEU A 342 7.45 -24.53 -5.44
C LEU A 342 7.52 -23.15 -4.77
N GLU A 343 8.02 -22.17 -5.51
CA GLU A 343 8.16 -20.82 -4.97
C GLU A 343 6.85 -20.32 -4.35
N GLU A 344 5.75 -20.48 -5.07
CA GLU A 344 4.44 -20.06 -4.57
C GLU A 344 3.94 -20.90 -3.39
N THR A 345 4.20 -22.20 -3.41
CA THR A 345 3.77 -23.06 -2.31
C THR A 345 4.47 -22.61 -1.02
N LEU A 346 5.76 -22.27 -1.11
CA LEU A 346 6.49 -21.78 0.05
C LEU A 346 5.95 -20.43 0.54
N SER A 347 5.65 -19.51 -0.37
CA SER A 347 5.10 -18.20 0.05
C SER A 347 3.80 -18.38 0.81
N THR A 348 2.92 -19.22 0.26
CA THR A 348 1.64 -19.47 0.90
C THR A 348 1.83 -20.06 2.28
N LEU A 349 2.56 -21.17 2.36
CA LEU A 349 2.81 -21.83 3.63
C LEU A 349 3.42 -20.88 4.65
N GLU A 350 4.45 -20.17 4.24
CA GLU A 350 5.13 -19.21 5.09
C GLU A 350 4.17 -18.10 5.57
N TYR A 351 3.29 -17.68 4.66
CA TYR A 351 2.28 -16.66 4.94
C TYR A 351 1.26 -17.19 5.94
N ALA A 352 0.77 -18.40 5.69
CA ALA A 352 -0.22 -19.02 6.56
C ALA A 352 0.31 -19.29 7.96
N HIS A 353 1.61 -19.56 8.06
CA HIS A 353 2.22 -19.83 9.35
C HIS A 353 2.24 -18.60 10.27
N ARG A 354 2.65 -17.45 9.73
CA ARG A 354 2.70 -16.23 10.53
C ARG A 354 1.31 -15.84 11.06
N ALA A 355 0.28 -16.05 10.24
CA ALA A 355 -1.10 -15.74 10.61
C ALA A 355 -1.54 -16.45 11.90
N LYS A 356 -0.96 -17.62 12.17
CA LYS A 356 -1.28 -18.39 13.38
C LYS A 356 -1.12 -17.57 14.68
N ASN A 357 -0.17 -16.63 14.67
CA ASN A 357 0.10 -15.78 15.82
C ASN A 357 -0.87 -14.64 16.09
N ILE A 358 -1.81 -14.43 15.17
CA ILE A 358 -2.80 -13.36 15.33
C ILE A 358 -3.77 -13.76 16.44
N LEU A 359 -4.10 -12.82 17.31
CA LEU A 359 -4.99 -13.08 18.42
C LEU A 359 -6.19 -12.14 18.44
N ASN A 360 -7.39 -12.70 18.51
CA ASN A 360 -8.59 -11.87 18.57
C ASN A 360 -9.61 -12.32 19.60
N LYS A 361 -10.43 -11.36 20.03
CA LYS A 361 -11.49 -11.49 21.06
C LYS A 361 -10.95 -11.17 22.45
N ASN B 17 25.32 5.09 -1.38
CA ASN B 17 25.64 6.13 -2.36
C ASN B 17 24.77 7.38 -2.17
N ILE B 18 23.52 7.20 -1.76
CA ILE B 18 22.59 8.32 -1.56
C ILE B 18 23.01 9.21 -0.40
N GLN B 19 23.03 10.53 -0.65
CA GLN B 19 23.42 11.51 0.36
C GLN B 19 22.22 11.87 1.22
N VAL B 20 22.42 11.94 2.53
CA VAL B 20 21.33 12.29 3.43
C VAL B 20 21.77 13.33 4.45
N VAL B 21 21.16 14.50 4.43
CA VAL B 21 21.51 15.54 5.38
C VAL B 21 20.32 15.93 6.25
N VAL B 22 20.61 16.51 7.41
CA VAL B 22 19.58 16.94 8.36
C VAL B 22 19.65 18.45 8.57
N ARG B 23 18.48 19.09 8.65
CA ARG B 23 18.40 20.53 8.88
C ARG B 23 17.35 20.82 9.94
N CYS B 24 17.78 21.37 11.06
CA CYS B 24 16.87 21.71 12.14
C CYS B 24 16.46 23.17 12.03
N ARG B 25 15.17 23.43 12.21
CA ARG B 25 14.69 24.79 12.11
C ARG B 25 14.84 25.52 13.44
N PRO B 26 14.79 26.85 13.40
CA PRO B 26 14.92 27.66 14.60
C PRO B 26 13.55 27.85 15.27
N PHE B 27 13.56 28.23 16.55
CA PHE B 27 12.33 28.47 17.30
C PHE B 27 11.57 29.68 16.73
N ASN B 28 10.25 29.63 16.70
CA ASN B 28 9.47 30.76 16.19
C ASN B 28 9.10 31.67 17.35
N LEU B 29 8.48 32.81 17.06
CA LEU B 29 8.10 33.77 18.11
C LEU B 29 7.27 33.18 19.25
N ALA B 30 6.31 32.32 18.92
CA ALA B 30 5.47 31.70 19.94
C ALA B 30 6.27 30.80 20.89
N GLU B 31 7.34 30.20 20.37
CA GLU B 31 8.19 29.31 21.17
C GLU B 31 9.23 30.03 22.03
N ARG B 32 9.88 31.05 21.48
CA ARG B 32 10.88 31.80 22.25
C ARG B 32 10.19 32.62 23.35
N LYS B 33 8.91 32.90 23.15
CA LYS B 33 8.12 33.63 24.13
C LYS B 33 7.93 32.76 25.37
N ALA B 34 7.97 31.44 25.17
CA ALA B 34 7.82 30.48 26.27
C ALA B 34 9.19 29.94 26.72
N SER B 35 10.25 30.71 26.43
CA SER B 35 11.61 30.32 26.79
C SER B 35 11.81 28.84 26.46
N ALA B 36 11.58 28.50 25.20
CA ALA B 36 11.70 27.12 24.75
C ALA B 36 13.11 26.57 24.91
N HIS B 37 13.17 25.32 25.37
CA HIS B 37 14.42 24.60 25.58
C HIS B 37 14.60 23.63 24.40
N SER B 38 15.70 23.79 23.67
CA SER B 38 15.97 22.91 22.52
C SER B 38 16.34 21.50 22.95
N ILE B 39 15.76 20.53 22.26
CA ILE B 39 16.07 19.14 22.55
C ILE B 39 16.93 18.56 21.44
N VAL B 40 17.33 19.41 20.49
CA VAL B 40 18.16 18.97 19.37
C VAL B 40 19.48 19.73 19.32
N GLU B 41 20.59 19.00 19.23
CA GLU B 41 21.90 19.61 19.16
C GLU B 41 22.59 19.08 17.92
N CYS B 42 23.07 19.99 17.08
CA CYS B 42 23.75 19.58 15.86
C CYS B 42 25.26 19.75 15.99
N ASP B 43 26.00 18.77 15.50
CA ASP B 43 27.45 18.80 15.53
C ASP B 43 27.93 18.64 14.08
N PRO B 44 28.09 19.77 13.37
CA PRO B 44 28.54 19.72 11.97
C PRO B 44 29.90 19.06 11.79
N VAL B 45 30.84 19.37 12.68
CA VAL B 45 32.17 18.79 12.61
C VAL B 45 32.08 17.27 12.73
N ARG B 46 31.30 16.80 13.70
CA ARG B 46 31.14 15.37 13.89
C ARG B 46 30.03 14.82 12.97
N LYS B 47 29.32 15.72 12.29
CA LYS B 47 28.23 15.36 11.39
C LYS B 47 27.16 14.54 12.09
N GLU B 48 26.85 14.91 13.33
CA GLU B 48 25.86 14.21 14.11
C GLU B 48 24.75 15.16 14.55
N VAL B 49 23.62 14.58 14.87
CA VAL B 49 22.46 15.30 15.37
C VAL B 49 22.05 14.48 16.60
N SER B 50 21.99 15.13 17.76
CA SER B 50 21.63 14.43 19.00
C SER B 50 20.31 14.95 19.57
N VAL B 51 19.39 14.02 19.87
CA VAL B 51 18.07 14.36 20.40
C VAL B 51 17.88 13.91 21.85
N ARG B 52 17.31 14.79 22.67
CA ARG B 52 17.05 14.46 24.06
C ARG B 52 15.68 13.82 24.16
N THR B 53 15.68 12.50 24.36
CA THR B 53 14.45 11.73 24.47
C THR B 53 13.86 11.67 25.88
N GLY B 54 14.61 12.13 26.88
CA GLY B 54 14.11 12.12 28.24
C GLY B 54 14.99 12.91 29.16
N GLY B 55 14.63 12.97 30.44
CA GLY B 55 15.41 13.71 31.40
C GLY B 55 15.66 15.15 31.04
N LEU B 56 16.63 15.77 31.70
CA LEU B 56 17.00 17.16 31.47
C LEU B 56 18.48 17.30 31.16
N ALA B 57 18.97 18.54 31.18
CA ALA B 57 20.38 18.80 30.92
C ALA B 57 21.22 18.11 31.99
N ASP B 58 20.86 18.30 33.26
CA ASP B 58 21.54 17.72 34.42
C ASP B 58 21.76 16.18 34.33
N LYS B 59 20.86 15.50 33.65
CA LYS B 59 20.94 14.04 33.53
C LYS B 59 19.84 13.61 32.57
N SER B 60 20.22 12.91 31.50
CA SER B 60 19.22 12.50 30.52
C SER B 60 19.63 11.41 29.53
N SER B 61 18.67 11.05 28.68
CA SER B 61 18.86 10.07 27.63
C SER B 61 18.90 10.88 26.33
N ARG B 62 19.52 10.32 25.30
CA ARG B 62 19.60 11.01 24.03
C ARG B 62 19.74 9.96 22.94
N LYS B 63 19.46 10.37 21.70
CA LYS B 63 19.57 9.51 20.53
C LYS B 63 20.46 10.26 19.55
N THR B 64 21.59 9.67 19.18
CA THR B 64 22.50 10.33 18.25
C THR B 64 22.56 9.59 16.92
N TYR B 65 22.52 10.35 15.83
CA TYR B 65 22.56 9.78 14.50
C TYR B 65 23.62 10.53 13.69
N THR B 66 24.32 9.80 12.82
CA THR B 66 25.32 10.42 11.97
C THR B 66 24.81 10.45 10.54
N PHE B 67 24.98 11.59 9.88
CA PHE B 67 24.58 11.77 8.49
C PHE B 67 25.75 12.30 7.69
N ASP B 68 25.54 12.55 6.41
CA ASP B 68 26.62 13.06 5.56
C ASP B 68 26.93 14.52 5.89
N MET B 69 25.93 15.27 6.33
CA MET B 69 26.10 16.66 6.71
C MET B 69 24.96 16.98 7.67
N VAL B 70 25.13 17.99 8.51
CA VAL B 70 24.08 18.38 9.42
C VAL B 70 24.07 19.89 9.55
N PHE B 71 22.88 20.47 9.53
CA PHE B 71 22.72 21.92 9.63
C PHE B 71 21.84 22.30 10.82
N GLY B 72 22.43 23.02 11.77
CA GLY B 72 21.67 23.46 12.92
C GLY B 72 20.76 24.61 12.54
N ALA B 73 19.94 25.05 13.49
CA ALA B 73 19.01 26.13 13.26
C ALA B 73 19.66 27.47 12.88
N SER B 74 20.99 27.52 12.94
CA SER B 74 21.72 28.73 12.61
C SER B 74 22.03 28.87 11.12
N THR B 75 22.22 27.73 10.46
CA THR B 75 22.54 27.70 9.04
C THR B 75 21.60 28.54 8.18
N LYS B 76 22.18 29.25 7.21
CA LYS B 76 21.41 30.10 6.31
C LYS B 76 21.18 29.41 4.96
N GLN B 77 20.21 29.92 4.20
CA GLN B 77 19.86 29.39 2.89
C GLN B 77 21.11 29.23 2.03
N ILE B 78 21.94 30.28 2.01
CA ILE B 78 23.17 30.29 1.22
C ILE B 78 24.14 29.13 1.53
N ASP B 79 24.23 28.73 2.80
CA ASP B 79 25.13 27.65 3.15
C ASP B 79 24.53 26.29 2.76
N VAL B 80 23.21 26.18 2.79
CA VAL B 80 22.57 24.93 2.40
C VAL B 80 22.86 24.77 0.91
N TYR B 81 22.73 25.86 0.16
CA TYR B 81 22.96 25.82 -1.27
C TYR B 81 24.41 25.55 -1.67
N ARG B 82 25.35 26.24 -1.03
CA ARG B 82 26.76 26.04 -1.34
C ARG B 82 27.22 24.60 -1.03
N SER B 83 26.81 24.10 0.14
CA SER B 83 27.16 22.76 0.59
C SER B 83 26.44 21.61 -0.12
N VAL B 84 25.12 21.71 -0.24
CA VAL B 84 24.36 20.65 -0.89
C VAL B 84 24.11 20.82 -2.38
N VAL B 85 23.47 21.91 -2.76
CA VAL B 85 23.10 22.13 -4.16
C VAL B 85 24.22 22.42 -5.17
N CYS B 86 25.14 23.33 -4.83
CA CYS B 86 26.21 23.69 -5.75
C CYS B 86 26.84 22.45 -6.42
N PRO B 87 27.25 21.43 -5.62
CA PRO B 87 27.86 20.23 -6.20
C PRO B 87 26.91 19.50 -7.15
N ILE B 88 25.65 19.35 -6.73
CA ILE B 88 24.62 18.68 -7.54
C ILE B 88 24.36 19.38 -8.87
N LEU B 89 24.31 20.71 -8.85
CA LEU B 89 24.08 21.43 -10.09
C LEU B 89 25.21 21.17 -11.09
N ASP B 90 26.44 21.09 -10.59
CA ASP B 90 27.60 20.82 -11.45
C ASP B 90 27.48 19.47 -12.12
N GLU B 91 26.95 18.49 -11.40
CA GLU B 91 26.78 17.16 -11.98
C GLU B 91 25.66 17.20 -13.03
N VAL B 92 24.60 17.97 -12.75
CA VAL B 92 23.49 18.11 -13.70
C VAL B 92 24.06 18.72 -14.99
N ILE B 93 24.81 19.80 -14.84
CA ILE B 93 25.41 20.44 -16.00
C ILE B 93 26.30 19.48 -16.80
N MET B 94 26.90 18.49 -16.15
CA MET B 94 27.72 17.51 -16.86
C MET B 94 26.86 16.52 -17.66
N GLY B 95 25.54 16.57 -17.47
CA GLY B 95 24.64 15.69 -18.18
C GLY B 95 24.02 14.58 -17.33
N TYR B 96 24.13 14.69 -16.00
CA TYR B 96 23.57 13.69 -15.08
C TYR B 96 22.16 14.06 -14.57
N ASN B 97 21.34 13.05 -14.27
CA ASN B 97 20.01 13.30 -13.71
C ASN B 97 20.17 13.39 -12.20
N CYS B 98 19.52 14.35 -11.57
CA CYS B 98 19.64 14.50 -10.14
C CYS B 98 18.32 14.78 -9.46
N THR B 99 18.24 14.42 -8.19
CA THR B 99 17.03 14.62 -7.43
C THR B 99 17.36 14.97 -5.98
N ILE B 100 16.66 15.96 -5.45
CA ILE B 100 16.85 16.34 -4.06
C ILE B 100 15.46 16.30 -3.45
N PHE B 101 15.32 15.52 -2.38
CA PHE B 101 14.06 15.40 -1.63
C PHE B 101 14.16 16.23 -0.36
N ALA B 102 13.01 16.64 0.17
CA ALA B 102 12.92 17.33 1.45
C ALA B 102 11.98 16.39 2.22
N TYR B 103 12.41 15.87 3.36
CA TYR B 103 11.58 14.96 4.13
C TYR B 103 11.47 15.40 5.56
N GLY B 104 10.26 15.35 6.11
CA GLY B 104 10.10 15.75 7.49
C GLY B 104 8.67 16.09 7.75
N GLN B 105 8.38 16.36 9.02
CA GLN B 105 7.06 16.69 9.50
C GLN B 105 6.65 18.10 9.09
N THR B 106 5.34 18.30 8.92
CA THR B 106 4.81 19.60 8.56
C THR B 106 5.32 20.65 9.54
N GLY B 107 5.77 21.78 9.00
CA GLY B 107 6.26 22.88 9.81
C GLY B 107 7.69 22.81 10.28
N THR B 108 8.51 22.00 9.62
CA THR B 108 9.91 21.88 10.00
C THR B 108 10.85 22.51 8.98
N GLY B 109 10.29 23.04 7.89
CA GLY B 109 11.10 23.70 6.88
C GLY B 109 11.30 23.05 5.52
N LYS B 110 10.43 22.14 5.11
CA LYS B 110 10.58 21.48 3.80
C LYS B 110 10.48 22.50 2.67
N THR B 111 9.46 23.34 2.74
CA THR B 111 9.22 24.37 1.73
C THR B 111 10.18 25.55 1.85
N PHE B 112 10.55 25.90 3.08
CA PHE B 112 11.48 27.00 3.31
C PHE B 112 12.80 26.66 2.64
N THR B 113 13.25 25.42 2.86
CA THR B 113 14.49 24.92 2.29
C THR B 113 14.44 24.88 0.77
N MET B 114 13.48 24.14 0.23
CA MET B 114 13.32 23.98 -1.20
C MET B 114 12.93 25.23 -1.96
N GLU B 115 12.10 26.07 -1.35
CA GLU B 115 11.67 27.28 -2.05
C GLU B 115 12.15 28.58 -1.40
N GLY B 116 11.92 28.72 -0.10
CA GLY B 116 12.35 29.92 0.58
C GLY B 116 11.22 30.93 0.63
N GLU B 117 11.47 32.07 1.27
CA GLU B 117 10.47 33.11 1.41
C GLU B 117 11.08 34.45 1.00
N ARG B 118 10.29 35.51 1.08
CA ARG B 118 10.77 36.82 0.74
C ARG B 118 11.09 37.53 2.05
N SER B 119 12.25 38.18 2.08
CA SER B 119 12.65 38.95 3.26
C SER B 119 11.54 39.99 3.32
N PRO B 120 11.02 40.25 4.51
CA PRO B 120 9.94 41.23 4.67
C PRO B 120 10.21 42.69 4.27
N ASN B 121 9.13 43.36 3.86
CA ASN B 121 9.16 44.77 3.51
C ASN B 121 9.96 45.15 2.27
N GLU B 122 10.01 44.25 1.30
CA GLU B 122 10.75 44.48 0.05
C GLU B 122 12.19 44.96 0.23
N GLU B 123 12.87 44.44 1.25
CA GLU B 123 14.25 44.82 1.52
C GLU B 123 15.20 44.49 0.36
N TYR B 124 14.96 43.35 -0.29
CA TYR B 124 15.81 42.89 -1.39
C TYR B 124 15.02 42.57 -2.66
N THR B 125 15.74 42.37 -3.75
CA THR B 125 15.13 41.95 -5.01
C THR B 125 15.24 40.43 -4.90
N TRP B 126 14.34 39.69 -5.54
CA TRP B 126 14.36 38.25 -5.42
C TRP B 126 15.72 37.55 -5.57
N GLU B 127 16.55 38.02 -6.49
CA GLU B 127 17.84 37.37 -6.70
C GLU B 127 18.93 37.69 -5.68
N GLU B 128 18.61 38.55 -4.71
CA GLU B 128 19.57 38.88 -3.67
C GLU B 128 19.03 38.50 -2.31
N ASP B 129 17.75 38.13 -2.25
CA ASP B 129 17.11 37.78 -0.98
C ASP B 129 17.81 36.60 -0.29
N PRO B 130 18.30 36.82 0.93
CA PRO B 130 18.98 35.77 1.69
C PRO B 130 18.04 34.64 2.15
N LEU B 131 16.73 34.88 2.09
CA LEU B 131 15.77 33.84 2.47
C LEU B 131 15.36 32.92 1.30
N ALA B 132 15.89 33.22 0.11
CA ALA B 132 15.63 32.44 -1.08
C ALA B 132 16.08 30.99 -0.88
N GLY B 133 15.28 30.06 -1.38
CA GLY B 133 15.57 28.64 -1.24
C GLY B 133 16.27 28.04 -2.45
N ILE B 134 16.44 26.72 -2.44
CA ILE B 134 17.13 26.00 -3.51
C ILE B 134 16.67 26.25 -4.94
N ILE B 135 15.36 26.25 -5.18
CA ILE B 135 14.82 26.46 -6.52
C ILE B 135 15.14 27.86 -7.12
N PRO B 136 14.81 28.96 -6.43
CA PRO B 136 15.17 30.24 -7.09
C PRO B 136 16.68 30.37 -7.28
N ARG B 137 17.44 29.95 -6.29
CA ARG B 137 18.90 30.01 -6.36
C ARG B 137 19.46 29.19 -7.53
N THR B 138 18.99 27.96 -7.67
CA THR B 138 19.45 27.08 -8.73
C THR B 138 19.20 27.63 -10.13
N LEU B 139 18.00 28.19 -10.34
CA LEU B 139 17.66 28.74 -11.64
C LEU B 139 18.55 29.93 -11.94
N HIS B 140 18.71 30.82 -10.96
CA HIS B 140 19.56 32.00 -11.13
C HIS B 140 21.00 31.60 -11.45
N GLN B 141 21.46 30.52 -10.81
CA GLN B 141 22.83 30.06 -10.98
C GLN B 141 23.13 29.36 -12.29
N ILE B 142 22.12 28.74 -12.88
CA ILE B 142 22.30 28.05 -14.15
C ILE B 142 22.73 29.06 -15.22
N PHE B 143 22.08 30.22 -15.23
CA PHE B 143 22.40 31.27 -16.19
C PHE B 143 23.76 31.89 -15.90
N GLU B 144 24.16 31.93 -14.63
CA GLU B 144 25.46 32.46 -14.24
C GLU B 144 26.60 31.54 -14.68
N LYS B 145 26.46 30.27 -14.35
CA LYS B 145 27.47 29.25 -14.69
C LYS B 145 27.71 29.03 -16.18
N LEU B 146 26.65 29.11 -16.97
CA LEU B 146 26.76 28.90 -18.41
C LEU B 146 26.73 30.22 -19.20
N THR B 147 27.01 31.33 -18.54
CA THR B 147 26.97 32.64 -19.21
C THR B 147 27.79 32.77 -20.49
N ASP B 148 29.06 32.34 -20.48
CA ASP B 148 29.90 32.41 -21.68
C ASP B 148 31.02 31.36 -21.69
N ASN B 149 30.68 30.13 -21.30
CA ASN B 149 31.66 29.05 -21.30
C ASN B 149 31.64 28.26 -22.61
N GLY B 150 30.89 28.74 -23.59
CA GLY B 150 30.83 28.07 -24.88
C GLY B 150 29.84 26.92 -24.96
N THR B 151 28.95 26.82 -23.97
CA THR B 151 27.95 25.77 -23.94
C THR B 151 26.57 26.37 -24.21
N GLU B 152 26.07 26.16 -25.43
CA GLU B 152 24.77 26.66 -25.81
C GLU B 152 23.76 25.90 -24.96
N PHE B 153 22.69 26.56 -24.54
CA PHE B 153 21.72 25.88 -23.69
C PHE B 153 20.32 26.50 -23.68
N SER B 154 19.37 25.72 -23.18
CA SER B 154 17.98 26.13 -23.05
C SER B 154 17.47 25.52 -21.73
N VAL B 155 16.67 26.27 -20.99
CA VAL B 155 16.15 25.75 -19.74
C VAL B 155 14.64 25.62 -19.74
N LYS B 156 14.14 24.46 -19.33
CA LYS B 156 12.69 24.18 -19.25
C LYS B 156 12.31 23.74 -17.83
N VAL B 157 11.23 24.30 -17.29
CA VAL B 157 10.77 23.90 -15.96
C VAL B 157 9.36 23.32 -15.96
N SER B 158 9.12 22.44 -15.01
CA SER B 158 7.81 21.80 -14.85
C SER B 158 7.50 21.67 -13.37
N LEU B 159 6.24 21.92 -13.03
CA LEU B 159 5.83 21.81 -11.65
C LEU B 159 4.70 20.79 -11.60
N LEU B 160 5.07 19.56 -11.29
CA LEU B 160 4.13 18.47 -11.20
C LEU B 160 3.89 18.12 -9.74
N GLU B 161 2.65 18.23 -9.31
CA GLU B 161 2.30 17.93 -7.93
C GLU B 161 1.28 16.78 -7.81
N ILE B 162 1.38 16.04 -6.70
CA ILE B 162 0.50 14.91 -6.45
C ILE B 162 -0.36 15.14 -5.22
N TYR B 163 -1.65 14.83 -5.33
CA TYR B 163 -2.54 14.99 -4.20
C TYR B 163 -3.60 13.91 -4.29
N ASN B 164 -3.74 13.15 -3.22
CA ASN B 164 -4.68 12.05 -3.17
C ASN B 164 -4.55 11.20 -4.43
N GLU B 165 -3.30 10.91 -4.79
CA GLU B 165 -2.95 10.12 -5.96
C GLU B 165 -3.38 10.66 -7.30
N GLU B 166 -3.58 11.98 -7.40
CA GLU B 166 -3.97 12.63 -8.65
C GLU B 166 -2.87 13.62 -9.00
N LEU B 167 -2.67 13.85 -10.28
CA LEU B 167 -1.62 14.75 -10.73
C LEU B 167 -2.16 16.07 -11.20
N PHE B 168 -1.46 17.15 -10.84
CA PHE B 168 -1.82 18.51 -11.22
C PHE B 168 -0.61 19.26 -11.76
N ASP B 169 -0.89 20.15 -12.70
CA ASP B 169 0.13 20.99 -13.34
C ASP B 169 -0.06 22.38 -12.73
N LEU B 170 0.87 22.81 -11.88
CA LEU B 170 0.78 24.12 -11.26
C LEU B 170 1.49 25.22 -12.06
N LEU B 171 1.78 24.96 -13.35
CA LEU B 171 2.42 25.96 -14.21
C LEU B 171 1.67 26.16 -15.51
N ASN B 172 0.46 25.62 -15.61
CA ASN B 172 -0.34 25.79 -16.81
C ASN B 172 -1.36 26.88 -16.49
N PRO B 173 -1.24 28.04 -17.12
CA PRO B 173 -2.18 29.14 -16.88
C PRO B 173 -3.52 28.96 -17.59
N SER B 174 -3.59 28.02 -18.53
CA SER B 174 -4.83 27.78 -19.27
C SER B 174 -5.86 26.98 -18.48
N SER B 175 -5.41 25.92 -17.81
CA SER B 175 -6.30 25.07 -17.04
C SER B 175 -6.36 25.51 -15.58
N ASP B 176 -7.33 24.96 -14.85
CA ASP B 176 -7.45 25.30 -13.44
C ASP B 176 -6.97 24.09 -12.64
N VAL B 177 -6.89 24.27 -11.32
CA VAL B 177 -6.42 23.22 -10.43
C VAL B 177 -7.37 22.03 -10.26
N SER B 178 -8.46 21.99 -11.00
CA SER B 178 -9.40 20.90 -10.89
C SER B 178 -9.23 19.89 -12.03
N GLU B 179 -8.31 20.19 -12.94
CA GLU B 179 -8.05 19.31 -14.08
C GLU B 179 -6.82 18.45 -13.85
N ARG B 180 -7.07 17.17 -13.61
CA ARG B 180 -6.04 16.19 -13.32
C ARG B 180 -5.35 15.70 -14.59
N LEU B 181 -4.12 15.26 -14.47
CA LEU B 181 -3.37 14.78 -15.61
C LEU B 181 -3.34 13.25 -15.63
N GLN B 182 -3.07 12.69 -16.80
CA GLN B 182 -3.00 11.25 -16.98
C GLN B 182 -1.55 10.82 -17.09
N MET B 183 -1.26 9.67 -16.53
CA MET B 183 0.10 9.15 -16.55
C MET B 183 0.11 7.82 -17.28
N PHE B 184 1.15 7.59 -18.08
CA PHE B 184 1.28 6.34 -18.83
C PHE B 184 2.73 5.87 -18.81
N ASP B 185 2.94 4.57 -18.89
CA ASP B 185 4.31 4.05 -18.93
C ASP B 185 4.89 4.54 -20.24
N ASP B 186 6.20 4.77 -20.27
CA ASP B 186 6.83 5.24 -21.49
C ASP B 186 7.24 4.02 -22.32
N PRO B 187 6.60 3.83 -23.48
CA PRO B 187 6.90 2.70 -24.38
C PRO B 187 8.39 2.51 -24.63
N ARG B 188 9.07 3.63 -24.88
CA ARG B 188 10.49 3.63 -25.13
C ARG B 188 11.28 2.85 -24.07
N ASN B 189 11.02 3.13 -22.80
CA ASN B 189 11.70 2.46 -21.69
C ASN B 189 10.81 2.45 -20.46
N LYS B 190 10.35 1.28 -20.05
CA LYS B 190 9.46 1.13 -18.89
C LYS B 190 9.99 1.71 -17.56
N ARG B 191 11.26 2.12 -17.57
CA ARG B 191 11.90 2.72 -16.41
C ARG B 191 11.28 4.09 -16.12
N GLY B 192 10.81 4.76 -17.17
CA GLY B 192 10.22 6.07 -17.04
C GLY B 192 8.72 6.13 -17.23
N VAL B 193 8.17 7.34 -17.24
CA VAL B 193 6.75 7.52 -17.40
C VAL B 193 6.44 8.80 -18.17
N ILE B 194 5.29 8.83 -18.83
CA ILE B 194 4.84 9.98 -19.61
C ILE B 194 3.63 10.65 -18.94
N ILE B 195 3.73 11.94 -18.68
CA ILE B 195 2.62 12.67 -18.08
C ILE B 195 1.92 13.50 -19.17
N LYS B 196 0.76 13.03 -19.62
CA LYS B 196 0.00 13.69 -20.67
C LYS B 196 -0.53 15.07 -20.30
N GLY B 197 -0.09 16.09 -21.04
CA GLY B 197 -0.55 17.44 -20.78
C GLY B 197 0.29 18.29 -19.82
N LEU B 198 1.39 17.75 -19.33
CA LEU B 198 2.23 18.53 -18.41
C LEU B 198 3.04 19.57 -19.20
N GLU B 199 2.77 20.84 -18.90
CA GLU B 199 3.45 21.95 -19.54
C GLU B 199 4.92 22.06 -19.12
N GLU B 200 5.74 22.57 -20.03
CA GLU B 200 7.15 22.80 -19.78
C GLU B 200 7.37 24.25 -20.21
N ILE B 201 7.67 25.11 -19.25
CA ILE B 201 7.88 26.51 -19.58
C ILE B 201 9.35 26.78 -19.82
N THR B 202 9.66 27.38 -20.96
CA THR B 202 11.04 27.71 -21.30
C THR B 202 11.44 28.97 -20.53
N VAL B 203 12.58 28.91 -19.87
CA VAL B 203 13.09 30.05 -19.13
C VAL B 203 14.18 30.60 -20.06
N HIS B 204 13.90 31.75 -20.68
CA HIS B 204 14.84 32.36 -21.62
C HIS B 204 16.03 33.09 -21.00
N ASN B 205 15.85 33.61 -19.80
CA ASN B 205 16.92 34.31 -19.11
C ASN B 205 16.59 34.35 -17.63
N LYS B 206 17.47 34.92 -16.81
CA LYS B 206 17.25 34.99 -15.38
C LYS B 206 16.13 35.96 -15.02
N ASP B 207 15.79 36.84 -15.96
CA ASP B 207 14.74 37.81 -15.73
C ASP B 207 13.33 37.30 -15.99
N GLU B 208 13.19 35.99 -16.21
CA GLU B 208 11.86 35.42 -16.41
C GLU B 208 11.51 34.46 -15.29
N VAL B 209 12.52 34.03 -14.52
CA VAL B 209 12.27 33.07 -13.45
C VAL B 209 11.39 33.50 -12.28
N TYR B 210 11.50 34.75 -11.82
CA TYR B 210 10.65 35.12 -10.69
C TYR B 210 9.18 35.05 -11.05
N GLN B 211 8.84 35.58 -12.23
CA GLN B 211 7.45 35.59 -12.69
C GLN B 211 6.90 34.18 -12.75
N ILE B 212 7.67 33.28 -13.32
CA ILE B 212 7.23 31.90 -13.45
C ILE B 212 6.92 31.27 -12.12
N LEU B 213 7.75 31.55 -11.12
CA LEU B 213 7.52 31.02 -9.79
C LEU B 213 6.27 31.65 -9.17
N GLU B 214 5.98 32.91 -9.51
CA GLU B 214 4.81 33.58 -8.97
C GLU B 214 3.51 32.96 -9.45
N LYS B 215 3.46 32.66 -10.74
CA LYS B 215 2.27 32.05 -11.30
C LYS B 215 2.03 30.69 -10.61
N GLY B 216 3.11 29.95 -10.37
CA GLY B 216 2.96 28.67 -9.69
C GLY B 216 2.36 28.89 -8.31
N ALA B 217 2.87 29.90 -7.60
CA ALA B 217 2.38 30.22 -6.26
C ALA B 217 0.90 30.52 -6.24
N ALA B 218 0.47 31.40 -7.15
CA ALA B 218 -0.94 31.80 -7.25
C ALA B 218 -1.86 30.63 -7.53
N LYS B 219 -1.50 29.84 -8.53
CA LYS B 219 -2.31 28.68 -8.91
C LYS B 219 -2.43 27.72 -7.73
N ARG B 220 -1.36 27.67 -6.95
CA ARG B 220 -1.26 26.82 -5.77
C ARG B 220 -2.20 27.26 -4.65
N THR B 221 -2.50 28.57 -4.62
CA THR B 221 -3.40 29.16 -3.65
C THR B 221 -4.83 28.69 -3.93
N THR B 222 -5.19 28.65 -5.21
CA THR B 222 -6.51 28.19 -5.58
C THR B 222 -6.56 26.69 -5.29
N ALA B 223 -5.44 25.99 -5.48
CA ALA B 223 -5.42 24.56 -5.21
C ALA B 223 -5.77 24.37 -3.73
N ALA B 224 -5.06 25.10 -2.87
CA ALA B 224 -5.29 25.04 -1.44
C ALA B 224 -6.75 25.34 -1.09
N THR B 225 -7.40 26.20 -1.87
CA THR B 225 -8.81 26.55 -1.64
C THR B 225 -9.72 25.35 -1.91
N LEU B 226 -9.40 24.63 -2.97
CA LEU B 226 -10.13 23.46 -3.42
C LEU B 226 -9.94 22.17 -2.63
N MET B 227 -8.69 21.85 -2.28
CA MET B 227 -8.39 20.60 -1.60
C MET B 227 -7.93 20.77 -0.17
N ASN B 228 -8.49 19.96 0.72
CA ASN B 228 -8.17 20.00 2.15
C ASN B 228 -6.70 19.78 2.47
N ALA B 229 -6.15 20.67 3.30
CA ALA B 229 -4.77 20.58 3.74
C ALA B 229 -3.85 20.34 2.55
N TYR B 230 -4.11 21.05 1.47
CA TYR B 230 -3.30 20.86 0.27
C TYR B 230 -1.78 20.96 0.42
N SER B 231 -1.29 22.05 1.02
CA SER B 231 0.14 22.24 1.15
C SER B 231 0.86 21.22 2.00
N SER B 232 0.15 20.64 2.96
CA SER B 232 0.81 19.67 3.81
C SER B 232 0.60 18.25 3.34
N ARG B 233 -0.39 18.03 2.48
CA ARG B 233 -0.71 16.68 2.00
C ARG B 233 -0.30 16.38 0.56
N SER B 234 0.28 17.35 -0.13
CA SER B 234 0.69 17.15 -1.52
C SER B 234 2.20 17.01 -1.68
N HIS B 235 2.59 16.38 -2.78
CA HIS B 235 4.00 16.19 -3.15
C HIS B 235 4.22 17.08 -4.38
N SER B 236 5.24 17.92 -4.33
CA SER B 236 5.55 18.80 -5.46
C SER B 236 6.90 18.43 -6.05
N VAL B 237 6.91 18.21 -7.36
CA VAL B 237 8.14 17.85 -8.05
C VAL B 237 8.43 18.93 -9.08
N PHE B 238 9.27 19.89 -8.71
CA PHE B 238 9.65 21.00 -9.61
C PHE B 238 10.86 20.51 -10.40
N SER B 239 10.72 20.40 -11.71
CA SER B 239 11.82 19.92 -12.54
C SER B 239 12.44 20.94 -13.48
N VAL B 240 13.76 20.92 -13.57
CA VAL B 240 14.45 21.83 -14.46
C VAL B 240 15.40 21.02 -15.35
N THR B 241 15.09 21.04 -16.65
CA THR B 241 15.87 20.31 -17.65
C THR B 241 16.76 21.29 -18.44
N ILE B 242 18.02 20.93 -18.60
CA ILE B 242 18.94 21.78 -19.33
C ILE B 242 19.51 21.09 -20.55
N HIS B 243 19.07 21.50 -21.73
CA HIS B 243 19.58 20.95 -22.97
C HIS B 243 20.82 21.77 -23.30
N MET B 244 21.98 21.10 -23.36
CA MET B 244 23.24 21.76 -23.65
C MET B 244 23.91 21.26 -24.92
N LYS B 245 24.59 22.18 -25.61
CA LYS B 245 25.27 21.85 -26.83
C LYS B 245 26.57 22.64 -26.90
N GLU B 246 27.68 21.94 -26.98
CA GLU B 246 28.97 22.58 -27.09
C GLU B 246 29.63 22.10 -28.35
N THR B 247 30.37 22.99 -29.01
CA THR B 247 31.04 22.66 -30.25
C THR B 247 32.56 22.60 -30.07
N THR B 248 33.16 21.48 -30.47
CA THR B 248 34.61 21.32 -30.36
C THR B 248 35.33 22.23 -31.35
N ILE B 249 36.65 22.25 -31.27
CA ILE B 249 37.49 23.05 -32.16
C ILE B 249 37.44 22.48 -33.57
N ASP B 250 36.93 21.25 -33.68
CA ASP B 250 36.80 20.53 -34.95
C ASP B 250 35.40 20.71 -35.55
N GLY B 251 34.54 21.47 -34.88
CA GLY B 251 33.20 21.70 -35.36
C GLY B 251 32.14 20.68 -34.95
N GLU B 252 32.55 19.60 -34.29
CA GLU B 252 31.61 18.58 -33.84
C GLU B 252 30.77 19.10 -32.69
N GLU B 253 29.54 18.63 -32.58
CA GLU B 253 28.69 19.07 -31.48
C GLU B 253 28.45 18.00 -30.44
N LEU B 254 28.69 18.35 -29.18
CA LEU B 254 28.50 17.45 -28.06
C LEU B 254 27.24 17.93 -27.34
N VAL B 255 26.25 17.05 -27.22
CA VAL B 255 25.00 17.43 -26.55
C VAL B 255 24.81 16.73 -25.21
N LYS B 256 24.53 17.54 -24.19
CA LYS B 256 24.31 17.04 -22.83
C LYS B 256 22.90 17.39 -22.39
N ILE B 257 22.27 16.48 -21.66
CA ILE B 257 20.92 16.74 -21.15
C ILE B 257 20.95 16.46 -19.66
N GLY B 258 20.84 17.52 -18.87
CA GLY B 258 20.84 17.35 -17.44
C GLY B 258 19.48 17.71 -16.88
N LYS B 259 18.93 16.86 -16.02
CA LYS B 259 17.63 17.14 -15.42
C LYS B 259 17.75 17.17 -13.90
N LEU B 260 17.15 18.17 -13.27
CA LEU B 260 17.19 18.25 -11.83
C LEU B 260 15.78 18.24 -11.25
N ASN B 261 15.51 17.29 -10.36
CA ASN B 261 14.20 17.21 -9.72
C ASN B 261 14.27 17.69 -8.27
N LEU B 262 13.43 18.66 -7.92
CA LEU B 262 13.38 19.20 -6.57
C LEU B 262 12.03 18.87 -5.99
N VAL B 263 12.00 17.87 -5.13
CA VAL B 263 10.77 17.36 -4.51
C VAL B 263 10.48 17.79 -3.07
N ASP B 264 9.37 18.48 -2.87
CA ASP B 264 8.92 18.92 -1.55
C ASP B 264 7.85 17.88 -1.17
N LEU B 265 8.27 16.84 -0.44
CA LEU B 265 7.34 15.79 -0.06
C LEU B 265 6.21 16.25 0.88
N ALA B 266 5.17 15.42 0.98
CA ALA B 266 4.01 15.68 1.84
C ALA B 266 4.51 15.48 3.26
N GLY B 267 3.94 16.19 4.23
CA GLY B 267 4.37 16.02 5.61
C GLY B 267 4.45 14.55 6.00
N SER B 268 5.42 14.21 6.84
CA SER B 268 5.63 12.83 7.27
C SER B 268 4.87 12.38 8.53
N GLU B 269 4.08 13.27 9.12
CA GLU B 269 3.35 12.95 10.34
C GLU B 269 2.17 11.97 10.19
N ASN B 270 2.16 10.95 11.04
CA ASN B 270 1.11 9.92 11.08
C ASN B 270 1.40 8.77 12.05
N ASN B 286 -8.00 9.09 5.93
CA ASN B 286 -7.33 9.53 4.71
C ASN B 286 -5.84 9.16 4.74
N ILE B 287 -5.43 8.37 3.74
CA ILE B 287 -4.04 7.93 3.68
C ILE B 287 -3.29 8.56 2.50
N ASN B 288 -1.96 8.58 2.59
CA ASN B 288 -1.16 9.11 1.51
C ASN B 288 -0.43 7.96 0.85
N GLN B 289 -1.05 7.39 -0.18
CA GLN B 289 -0.46 6.24 -0.87
C GLN B 289 0.97 6.42 -1.37
N SER B 290 1.31 7.62 -1.86
CA SER B 290 2.67 7.86 -2.36
C SER B 290 3.67 7.94 -1.20
N LEU B 291 3.31 8.61 -0.12
CA LEU B 291 4.20 8.68 1.01
C LEU B 291 4.41 7.24 1.52
N LEU B 292 3.32 6.54 1.76
CA LEU B 292 3.38 5.16 2.22
C LEU B 292 4.25 4.32 1.31
N THR B 293 4.08 4.48 0.00
CA THR B 293 4.86 3.68 -0.92
C THR B 293 6.33 4.07 -0.89
N LEU B 294 6.61 5.36 -0.73
CA LEU B 294 7.98 5.82 -0.65
C LEU B 294 8.70 5.10 0.49
N GLY B 295 8.04 5.00 1.64
CA GLY B 295 8.63 4.30 2.79
C GLY B 295 8.87 2.83 2.50
N ARG B 296 7.91 2.15 1.88
CA ARG B 296 8.07 0.73 1.56
C ARG B 296 9.12 0.49 0.48
N VAL B 297 9.27 1.44 -0.43
CA VAL B 297 10.27 1.30 -1.47
C VAL B 297 11.66 1.41 -0.82
N ILE B 298 11.83 2.37 0.08
CA ILE B 298 13.13 2.52 0.74
C ILE B 298 13.47 1.27 1.56
N THR B 299 12.48 0.69 2.22
CA THR B 299 12.67 -0.52 3.02
C THR B 299 13.12 -1.68 2.14
N ALA B 300 12.44 -1.84 1.00
CA ALA B 300 12.78 -2.90 0.07
C ALA B 300 14.18 -2.74 -0.52
N LEU B 301 14.60 -1.48 -0.67
CA LEU B 301 15.92 -1.15 -1.22
C LEU B 301 17.01 -1.43 -0.20
N VAL B 302 16.85 -0.87 0.99
CA VAL B 302 17.80 -1.03 2.09
C VAL B 302 18.02 -2.50 2.47
N GLU B 303 16.92 -3.24 2.59
CA GLU B 303 16.96 -4.65 2.94
C GLU B 303 17.29 -5.55 1.75
N ARG B 304 17.50 -4.93 0.60
CA ARG B 304 17.85 -5.61 -0.63
C ARG B 304 16.86 -6.66 -1.14
N THR B 305 15.59 -6.51 -0.77
CA THR B 305 14.55 -7.43 -1.23
C THR B 305 14.50 -7.31 -2.74
N PRO B 306 14.31 -8.44 -3.44
CA PRO B 306 14.25 -8.47 -4.91
C PRO B 306 13.16 -7.54 -5.49
N HIS B 307 11.98 -7.54 -4.86
CA HIS B 307 10.86 -6.71 -5.32
C HIS B 307 10.77 -5.36 -4.61
N VAL B 308 10.68 -4.30 -5.41
CA VAL B 308 10.54 -2.93 -4.91
C VAL B 308 9.20 -2.45 -5.49
N PRO B 309 8.26 -2.09 -4.61
CA PRO B 309 6.92 -1.61 -5.01
C PRO B 309 6.82 -0.23 -5.68
N TYR B 310 7.69 0.05 -6.65
CA TYR B 310 7.66 1.34 -7.37
C TYR B 310 6.29 1.70 -7.92
N ARG B 311 5.60 0.71 -8.51
CA ARG B 311 4.29 0.91 -9.13
C ARG B 311 3.11 1.08 -8.19
N GLU B 312 3.31 0.95 -6.88
CA GLU B 312 2.17 1.10 -5.99
C GLU B 312 1.77 2.57 -5.69
N SER B 313 2.35 3.52 -6.43
CA SER B 313 2.02 4.94 -6.23
C SER B 313 2.54 5.80 -7.37
N LYS B 314 1.92 6.97 -7.53
CA LYS B 314 2.31 7.90 -8.59
C LYS B 314 3.69 8.47 -8.33
N LEU B 315 3.94 8.86 -7.09
CA LEU B 315 5.23 9.41 -6.73
C LEU B 315 6.39 8.49 -7.06
N THR B 316 6.40 7.27 -6.51
CA THR B 316 7.49 6.34 -6.76
C THR B 316 7.61 5.85 -8.20
N ARG B 317 6.52 5.93 -8.95
CA ARG B 317 6.55 5.54 -10.35
C ARG B 317 7.25 6.67 -11.13
N ILE B 318 6.85 7.90 -10.84
CA ILE B 318 7.46 9.04 -11.50
C ILE B 318 8.95 9.17 -11.18
N LEU B 319 9.31 8.96 -9.92
CA LEU B 319 10.68 9.10 -9.44
C LEU B 319 11.48 7.82 -9.15
N GLN B 320 11.14 6.70 -9.79
CA GLN B 320 11.87 5.47 -9.49
C GLN B 320 13.37 5.48 -9.81
N ASP B 321 13.78 6.21 -10.83
CA ASP B 321 15.23 6.25 -11.12
C ASP B 321 16.02 6.96 -9.99
N SER B 322 15.32 7.66 -9.10
CA SER B 322 15.92 8.37 -7.97
C SER B 322 16.02 7.46 -6.72
N LEU B 323 15.40 6.29 -6.80
CA LEU B 323 15.41 5.32 -5.69
C LEU B 323 16.05 3.98 -6.14
N GLY B 324 17.38 3.94 -6.04
CA GLY B 324 18.14 2.76 -6.42
C GLY B 324 18.25 2.62 -7.92
N GLY B 325 18.29 3.77 -8.60
CA GLY B 325 18.37 3.76 -10.06
C GLY B 325 19.68 4.37 -10.50
N ARG B 326 19.64 5.19 -11.55
CA ARG B 326 20.84 5.83 -12.08
C ARG B 326 20.91 7.34 -11.87
N THR B 327 20.09 7.85 -10.96
CA THR B 327 20.06 9.28 -10.65
C THR B 327 20.81 9.56 -9.35
N ARG B 328 21.59 10.65 -9.32
CA ARG B 328 22.32 11.03 -8.11
C ARG B 328 21.23 11.55 -7.20
N THR B 329 21.10 10.99 -6.01
CA THR B 329 20.03 11.42 -5.13
C THR B 329 20.48 11.88 -3.76
N SER B 330 19.82 12.94 -3.31
CA SER B 330 20.06 13.54 -2.01
C SER B 330 18.73 13.70 -1.31
N ILE B 331 18.74 13.54 0.00
CA ILE B 331 17.54 13.72 0.79
C ILE B 331 17.88 14.69 1.90
N ILE B 332 17.07 15.72 2.04
CA ILE B 332 17.27 16.69 3.11
C ILE B 332 16.16 16.44 4.09
N ALA B 333 16.51 15.93 5.27
CA ALA B 333 15.52 15.65 6.31
C ALA B 333 15.39 16.84 7.27
N THR B 334 14.22 17.46 7.32
CA THR B 334 13.97 18.60 8.19
C THR B 334 13.33 18.21 9.51
N ILE B 335 13.77 18.84 10.59
CA ILE B 335 13.26 18.55 11.92
C ILE B 335 13.00 19.76 12.80
N SER B 336 12.27 19.53 13.89
CA SER B 336 11.93 20.59 14.83
C SER B 336 12.81 20.49 16.08
N PRO B 337 13.14 21.65 16.70
CA PRO B 337 13.96 21.69 17.91
C PRO B 337 13.11 21.63 19.17
N ALA B 338 11.78 21.69 18.98
CA ALA B 338 10.85 21.69 20.11
C ALA B 338 10.70 20.33 20.77
N SER B 339 10.63 20.32 22.10
CA SER B 339 10.48 19.06 22.83
C SER B 339 9.14 18.40 22.54
N LEU B 340 8.13 19.18 22.23
CA LEU B 340 6.83 18.57 21.96
C LEU B 340 6.72 17.89 20.61
N ASN B 341 7.79 17.95 19.81
CA ASN B 341 7.80 17.34 18.49
C ASN B 341 8.75 16.13 18.51
N LEU B 342 9.16 15.79 19.72
CA LEU B 342 10.09 14.70 19.95
C LEU B 342 9.82 13.46 19.16
N GLU B 343 8.64 12.89 19.32
CA GLU B 343 8.31 11.65 18.61
C GLU B 343 8.44 11.75 17.10
N GLU B 344 7.88 12.78 16.48
CA GLU B 344 8.00 12.91 15.03
C GLU B 344 9.45 13.22 14.60
N THR B 345 10.22 13.87 15.47
CA THR B 345 11.61 14.17 15.17
C THR B 345 12.40 12.87 15.13
N LEU B 346 12.10 11.96 16.06
CA LEU B 346 12.73 10.65 16.13
C LEU B 346 12.35 9.78 14.92
N SER B 347 11.11 9.86 14.47
CA SER B 347 10.74 9.07 13.30
C SER B 347 11.47 9.55 12.08
N THR B 348 11.58 10.86 11.93
CA THR B 348 12.28 11.44 10.80
C THR B 348 13.77 11.05 10.75
N LEU B 349 14.46 11.23 11.86
CA LEU B 349 15.89 10.89 11.94
C LEU B 349 16.13 9.40 11.70
N GLU B 350 15.23 8.58 12.23
CA GLU B 350 15.30 7.14 12.08
C GLU B 350 15.09 6.75 10.61
N TYR B 351 14.12 7.41 9.98
CA TYR B 351 13.78 7.19 8.57
C TYR B 351 14.90 7.65 7.64
N ALA B 352 15.39 8.88 7.83
CA ALA B 352 16.48 9.45 7.02
C ALA B 352 17.74 8.62 7.15
N HIS B 353 18.06 8.22 8.38
CA HIS B 353 19.26 7.42 8.64
C HIS B 353 19.20 6.12 7.87
N ARG B 354 18.06 5.45 7.96
CA ARG B 354 17.84 4.19 7.27
C ARG B 354 18.07 4.34 5.76
N ALA B 355 17.64 5.47 5.20
CA ALA B 355 17.79 5.72 3.77
C ALA B 355 19.23 5.87 3.27
N LYS B 356 20.19 6.07 4.19
CA LYS B 356 21.60 6.21 3.82
C LYS B 356 22.06 4.98 3.03
N ASN B 357 21.57 3.82 3.45
CA ASN B 357 21.91 2.54 2.82
C ASN B 357 21.47 2.33 1.39
N ILE B 358 20.74 3.27 0.81
CA ILE B 358 20.30 3.10 -0.57
C ILE B 358 21.47 3.37 -1.50
N LEU B 359 21.63 2.49 -2.50
CA LEU B 359 22.72 2.59 -3.46
C LEU B 359 22.21 2.96 -4.85
N ASN B 360 22.79 4.00 -5.44
CA ASN B 360 22.38 4.47 -6.76
C ASN B 360 23.46 4.24 -7.81
N LYS B 361 23.03 4.25 -9.08
CA LYS B 361 23.88 4.04 -10.25
C LYS B 361 24.63 2.71 -10.24
#